data_2AB6
#
_entry.id   2AB6
#
_cell.length_a   56.120
_cell.length_b   76.716
_cell.length_c   212.449
_cell.angle_alpha   90.00
_cell.angle_beta   90.00
_cell.angle_gamma   90.00
#
_symmetry.space_group_name_H-M   'P 21 21 21'
#
loop_
_entity.id
_entity.type
_entity.pdbx_description
1 polymer 'Glutathione S-transferase Mu 2'
2 non-polymer L-GAMMA-GLUTAMYL-S-METHYLCYSTEINYLGLYCINE
3 water water
#
_entity_poly.entity_id   1
_entity_poly.type   'polypeptide(L)'
_entity_poly.pdbx_seq_one_letter_code
;PMTLGYWNIRGLAHSIRLLLEYTDSSYEEKKYTMGDAPDYDRSQWLNEKFKLGLDFPNLPYLIDGTHKITQSNAILRYIA
RKHNLCGESEKEQIREDILENQFMDSRMQLAKLCYDPDFEKLKPEYLQALPEMLKLYSQFLGKQPWFLGDKITFVDFIAY
DVLERNQVFEPSCLDAFPNLKDFISRFEGLEKISAYMKSSRFLPRPVFTKMAVWGNK
;
_entity_poly.pdbx_strand_id   A,B,C,D
#
loop_
_chem_comp.id
_chem_comp.type
_chem_comp.name
_chem_comp.formula
GSM non-polymer L-GAMMA-GLUTAMYL-S-METHYLCYSTEINYLGLYCINE 'C11 H19 N3 O6 S'
#
# COMPACT_ATOMS: atom_id res chain seq x y z
N PRO A 1 47.47 -10.89 12.33
CA PRO A 1 46.09 -11.27 12.65
C PRO A 1 45.14 -10.76 11.58
N MET A 2 44.13 -11.55 11.26
CA MET A 2 42.98 -11.06 10.52
C MET A 2 42.30 -9.87 11.18
N THR A 3 41.72 -9.01 10.36
CA THR A 3 40.90 -7.92 10.87
C THR A 3 39.42 -8.11 10.49
N LEU A 4 38.56 -8.03 11.49
CA LEU A 4 37.13 -8.09 11.27
C LEU A 4 36.55 -6.70 11.57
N GLY A 5 36.07 -6.03 10.52
CA GLY A 5 35.45 -4.71 10.63
C GLY A 5 33.93 -4.81 10.61
N TYR A 6 33.29 -4.23 11.62
CA TYR A 6 31.84 -4.10 11.63
C TYR A 6 31.43 -3.03 12.61
N TRP A 7 30.15 -2.66 12.56
CA TRP A 7 29.55 -1.88 13.64
C TRP A 7 29.72 -2.53 15.00
N ASN A 8 29.66 -1.71 16.04
CA ASN A 8 29.79 -2.18 17.41
C ASN A 8 28.50 -2.85 17.90
N ILE A 9 27.93 -3.72 17.07
CA ILE A 9 26.73 -4.45 17.47
C ILE A 9 26.89 -5.95 17.22
N ARG A 10 25.88 -6.73 17.61
CA ARG A 10 25.71 -8.11 17.17
C ARG A 10 25.60 -8.18 15.65
N GLY A 11 24.43 -7.76 15.13
CA GLY A 11 24.11 -7.81 13.70
C GLY A 11 24.57 -9.04 12.92
N LEU A 12 25.32 -8.80 11.84
CA LEU A 12 25.74 -9.83 10.90
C LEU A 12 27.13 -10.40 11.22
N ALA A 13 27.76 -9.89 12.28
CA ALA A 13 29.12 -10.31 12.62
C ALA A 13 29.13 -11.46 13.65
N HIS A 14 27.97 -11.66 14.29
CA HIS A 14 27.81 -12.64 15.34
C HIS A 14 28.32 -14.01 14.94
N SER A 15 27.82 -14.53 13.82
CA SER A 15 28.23 -15.83 13.31
C SER A 15 29.71 -15.88 12.96
N ILE A 16 30.19 -14.79 12.36
CA ILE A 16 31.59 -14.65 12.02
C ILE A 16 32.50 -14.60 13.24
N ARG A 17 32.10 -13.84 14.28
CA ARG A 17 32.84 -13.78 15.54
C ARG A 17 32.94 -15.15 16.18
N LEU A 18 31.83 -15.87 16.20
CA LEU A 18 31.73 -17.18 16.82
C LEU A 18 32.55 -18.19 16.05
N LEU A 19 32.46 -18.13 14.72
CA LEU A 19 33.24 -19.01 13.89
C LEU A 19 34.73 -18.77 14.07
N LEU A 20 35.13 -17.50 14.17
CA LEU A 20 36.52 -17.13 14.35
C LEU A 20 37.06 -17.62 15.69
N GLU A 21 36.20 -17.62 16.70
CA GLU A 21 36.53 -18.11 18.02
C GLU A 21 36.63 -19.62 18.07
N TYR A 22 35.57 -20.30 17.63
CA TYR A 22 35.60 -21.74 17.43
C TYR A 22 36.87 -22.25 16.72
N THR A 23 37.22 -21.63 15.60
CA THR A 23 38.28 -22.15 14.73
C THR A 23 39.64 -21.75 15.28
N ASP A 24 39.63 -21.06 16.43
CA ASP A 24 40.84 -20.61 17.10
C ASP A 24 41.61 -19.65 16.20
N SER A 25 40.88 -18.79 15.50
CA SER A 25 41.52 -17.96 14.50
C SER A 25 42.20 -16.80 15.21
N SER A 26 43.39 -16.44 14.73
CA SER A 26 44.07 -15.20 15.16
C SER A 26 43.39 -13.98 14.50
N TYR A 27 42.66 -13.19 15.28
CA TYR A 27 41.94 -12.03 14.72
C TYR A 27 41.76 -10.89 15.71
N GLU A 28 41.66 -9.66 15.18
CA GLU A 28 41.18 -8.53 15.99
C GLU A 28 40.12 -7.70 15.29
N GLU A 29 39.34 -6.99 16.08
CA GLU A 29 38.15 -6.32 15.55
C GLU A 29 38.41 -4.82 15.35
N LYS A 30 38.09 -4.34 14.15
CA LYS A 30 37.96 -2.91 13.89
C LYS A 30 36.50 -2.49 14.08
N LYS A 31 36.21 -1.90 15.23
CA LYS A 31 34.84 -1.58 15.61
C LYS A 31 34.43 -0.13 15.30
N TYR A 32 33.46 0.02 14.41
CA TYR A 32 32.95 1.33 14.02
C TYR A 32 31.76 1.65 14.90
N THR A 33 31.63 2.91 15.29
CA THR A 33 30.48 3.28 16.11
C THR A 33 29.59 4.24 15.36
N MET A 34 28.31 3.88 15.22
CA MET A 34 27.31 4.80 14.71
C MET A 34 26.94 5.87 15.75
N GLY A 35 26.83 7.13 15.29
CA GLY A 35 26.26 8.22 16.09
C GLY A 35 24.82 7.95 16.50
N ASP A 36 24.33 8.75 17.45
CA ASP A 36 22.95 8.68 17.89
C ASP A 36 22.03 9.41 16.89
N ALA A 37 20.72 9.21 17.05
CA ALA A 37 19.67 10.14 16.59
C ALA A 37 19.92 11.60 17.03
N PRO A 38 19.52 12.58 16.17
CA PRO A 38 18.85 12.42 14.87
C PRO A 38 19.83 12.10 13.76
N ASP A 39 21.12 12.29 14.05
CA ASP A 39 22.20 12.12 13.08
C ASP A 39 22.22 10.70 12.50
N TYR A 40 22.32 9.70 13.38
CA TYR A 40 22.88 8.37 13.05
C TYR A 40 24.15 8.52 12.23
N ASP A 41 25.05 9.33 12.76
CA ASP A 41 26.24 9.73 12.06
C ASP A 41 27.13 8.51 11.82
N ARG A 42 27.52 8.33 10.56
CA ARG A 42 28.19 7.12 10.08
C ARG A 42 29.64 7.36 9.70
N SER A 43 30.14 8.54 10.03
CA SER A 43 31.34 9.07 9.39
C SER A 43 32.63 8.29 9.70
N GLN A 44 32.65 7.64 10.87
CA GLN A 44 33.78 6.77 11.29
C GLN A 44 34.02 5.76 10.19
N TRP A 45 32.93 5.12 9.76
CA TRP A 45 32.96 4.18 8.64
C TRP A 45 33.20 4.90 7.32
N LEU A 46 32.40 5.93 7.08
CA LEU A 46 32.37 6.59 5.79
C LEU A 46 33.72 7.14 5.39
N ASN A 47 34.48 7.65 6.35
CA ASN A 47 35.82 8.18 6.05
C ASN A 47 36.73 7.13 5.45
N GLU A 48 36.94 6.02 6.15
CA GLU A 48 37.84 5.02 5.62
C GLU A 48 37.20 3.90 4.79
N LYS A 49 35.90 4.05 4.50
CA LYS A 49 35.15 3.08 3.68
C LYS A 49 35.83 2.73 2.35
N PHE A 50 36.38 3.74 1.69
CA PHE A 50 36.97 3.55 0.36
C PHE A 50 38.48 3.41 0.38
N LYS A 51 39.02 3.22 1.58
CA LYS A 51 40.45 3.25 1.80
C LYS A 51 41.01 1.88 2.19
N LEU A 52 40.13 0.89 2.35
CA LEU A 52 40.55 -0.41 2.82
C LEU A 52 40.85 -1.34 1.66
N GLY A 53 40.58 -0.86 0.45
CA GLY A 53 40.98 -1.62 -0.73
C GLY A 53 40.06 -2.81 -0.92
N LEU A 54 38.81 -2.63 -0.49
CA LEU A 54 37.79 -3.63 -0.73
C LEU A 54 37.18 -3.34 -2.09
N ASP A 55 36.89 -4.39 -2.84
CA ASP A 55 36.23 -4.25 -4.14
C ASP A 55 34.79 -3.73 -4.01
N PHE A 56 34.07 -4.20 -3.00
CA PHE A 56 32.70 -3.74 -2.75
C PHE A 56 32.53 -3.33 -1.30
N PRO A 57 33.09 -2.15 -0.94
CA PRO A 57 33.20 -1.77 0.48
C PRO A 57 31.86 -1.94 1.20
N ASN A 58 31.93 -2.55 2.37
CA ASN A 58 30.74 -2.98 3.08
C ASN A 58 31.08 -3.39 4.51
N LEU A 59 30.09 -3.36 5.40
CA LEU A 59 30.25 -3.96 6.73
C LEU A 59 29.31 -5.16 6.87
N PRO A 60 29.85 -6.34 7.26
CA PRO A 60 31.20 -6.57 7.80
C PRO A 60 32.24 -6.77 6.71
N TYR A 61 33.51 -6.61 7.07
CA TYR A 61 34.58 -7.01 6.18
C TYR A 61 35.64 -7.79 6.93
N LEU A 62 36.33 -8.66 6.19
CA LEU A 62 37.46 -9.41 6.72
C LEU A 62 38.71 -9.13 5.90
N ILE A 63 39.75 -8.68 6.59
CA ILE A 63 41.07 -8.57 5.96
C ILE A 63 42.00 -9.66 6.47
N ASP A 64 42.41 -10.54 5.57
CA ASP A 64 43.40 -11.55 5.87
C ASP A 64 44.57 -11.41 4.92
N GLY A 65 45.35 -10.36 5.12
CA GLY A 65 46.57 -10.16 4.33
C GLY A 65 46.27 -9.82 2.88
N THR A 66 46.48 -10.78 1.98
CA THR A 66 46.16 -10.59 0.57
C THR A 66 44.65 -10.48 0.36
N HIS A 67 43.90 -11.26 1.16
CA HIS A 67 42.47 -11.42 0.94
C HIS A 67 41.71 -10.34 1.65
N LYS A 68 40.87 -9.63 0.90
CA LYS A 68 39.96 -8.66 1.48
C LYS A 68 38.55 -9.03 1.07
N ILE A 69 37.70 -9.25 2.08
CA ILE A 69 36.40 -9.88 1.87
C ILE A 69 35.31 -9.04 2.50
N THR A 70 34.28 -8.74 1.73
CA THR A 70 33.02 -8.25 2.24
C THR A 70 31.93 -9.32 1.99
N GLN A 71 30.69 -9.00 2.38
CA GLN A 71 29.55 -9.95 2.37
C GLN A 71 29.70 -11.08 3.39
N SER A 72 28.78 -11.12 4.37
CA SER A 72 28.96 -11.94 5.56
C SER A 72 29.00 -13.44 5.28
N ASN A 73 28.19 -13.90 4.33
CA ASN A 73 28.26 -15.29 3.89
C ASN A 73 29.60 -15.65 3.24
N ALA A 74 30.16 -14.73 2.48
CA ALA A 74 31.45 -14.95 1.84
C ALA A 74 32.56 -15.04 2.88
N ILE A 75 32.47 -14.23 3.92
CA ILE A 75 33.44 -14.27 5.00
C ILE A 75 33.33 -15.62 5.71
N LEU A 76 32.10 -16.04 5.99
CA LEU A 76 31.83 -17.27 6.68
C LEU A 76 32.35 -18.47 5.86
N ARG A 77 32.12 -18.46 4.56
CA ARG A 77 32.59 -19.57 3.74
C ARG A 77 34.11 -19.59 3.69
N TYR A 78 34.71 -18.41 3.56
CA TYR A 78 36.17 -18.26 3.51
C TYR A 78 36.84 -18.96 4.67
N ILE A 79 36.37 -18.65 5.86
CA ILE A 79 36.91 -19.22 7.09
C ILE A 79 36.57 -20.70 7.21
N ALA A 80 35.36 -21.06 6.83
CA ALA A 80 34.91 -22.43 6.85
C ALA A 80 35.71 -23.34 5.95
N ARG A 81 36.19 -22.82 4.83
CA ARG A 81 37.03 -23.61 3.92
C ARG A 81 38.39 -23.86 4.56
N LYS A 82 38.84 -22.92 5.36
CA LYS A 82 40.20 -22.90 5.84
C LYS A 82 40.33 -23.87 6.99
N HIS A 83 39.19 -24.33 7.51
CA HIS A 83 39.16 -25.17 8.71
C HIS A 83 38.27 -26.37 8.54
N ASN A 84 38.02 -26.75 7.29
CA ASN A 84 37.22 -27.93 6.98
C ASN A 84 35.90 -27.97 7.75
N LEU A 85 35.13 -26.92 7.56
CA LEU A 85 33.80 -26.82 8.18
C LEU A 85 32.81 -26.54 7.09
N CYS A 86 32.88 -27.34 6.01
CA CYS A 86 32.03 -27.18 4.86
C CYS A 86 31.35 -28.52 4.59
N GLY A 87 30.22 -28.48 3.90
CA GLY A 87 29.63 -29.68 3.36
C GLY A 87 30.54 -30.27 2.30
N GLU A 88 30.71 -31.59 2.33
CA GLU A 88 31.59 -32.23 1.37
C GLU A 88 30.79 -32.86 0.22
N SER A 89 29.86 -33.73 0.56
CA SER A 89 29.10 -34.44 -0.46
C SER A 89 28.10 -33.51 -1.17
N GLU A 90 27.55 -33.99 -2.29
CA GLU A 90 26.50 -33.27 -2.98
C GLU A 90 25.32 -32.97 -2.07
N LYS A 91 24.81 -34.00 -1.39
CA LYS A 91 23.63 -33.84 -0.53
C LYS A 91 23.83 -32.79 0.54
N GLU A 92 25.03 -32.80 1.13
CA GLU A 92 25.42 -31.80 2.09
C GLU A 92 25.50 -30.41 1.49
N GLN A 93 26.07 -30.32 0.29
CA GLN A 93 26.25 -29.02 -0.36
C GLN A 93 24.90 -28.41 -0.71
N ILE A 94 24.01 -29.24 -1.26
CA ILE A 94 22.63 -28.86 -1.47
C ILE A 94 21.99 -28.34 -0.18
N ARG A 95 22.15 -29.11 0.90
CA ARG A 95 21.58 -28.72 2.20
C ARG A 95 22.15 -27.41 2.70
N GLU A 96 23.46 -27.24 2.52
CA GLU A 96 24.22 -26.05 2.94
C GLU A 96 23.73 -24.81 2.25
N ASP A 97 23.60 -24.91 0.90
CA ASP A 97 23.18 -23.79 0.08
C ASP A 97 21.76 -23.38 0.40
N ILE A 98 20.88 -24.36 0.57
CA ILE A 98 19.49 -24.10 0.92
C ILE A 98 19.45 -23.36 2.24
N LEU A 99 20.17 -23.89 3.23
CA LEU A 99 20.14 -23.33 4.58
C LEU A 99 20.70 -21.91 4.69
N GLU A 100 21.87 -21.70 4.10
CA GLU A 100 22.50 -20.38 4.12
C GLU A 100 21.53 -19.30 3.62
N ASN A 101 20.85 -19.59 2.51
CA ASN A 101 19.92 -18.65 1.93
C ASN A 101 18.62 -18.56 2.73
N GLN A 102 18.16 -19.69 3.24
CA GLN A 102 16.90 -19.72 3.97
C GLN A 102 17.01 -18.95 5.27
N PHE A 103 18.05 -19.27 6.04
CA PHE A 103 18.40 -18.48 7.22
C PHE A 103 18.52 -16.99 6.94
N MET A 104 19.17 -16.61 5.85
CA MET A 104 19.26 -15.21 5.45
C MET A 104 17.88 -14.56 5.27
N ASP A 105 16.95 -15.25 4.60
CA ASP A 105 15.57 -14.76 4.49
C ASP A 105 14.92 -14.60 5.85
N SER A 106 15.19 -15.55 6.76
CA SER A 106 14.58 -15.48 8.08
C SER A 106 15.21 -14.37 8.89
N ARG A 107 16.52 -14.22 8.78
CA ARG A 107 17.22 -13.15 9.47
C ARG A 107 16.55 -11.85 9.09
N MET A 108 16.41 -11.64 7.79
CA MET A 108 15.96 -10.38 7.22
C MET A 108 14.52 -10.05 7.56
N GLN A 109 13.69 -11.08 7.73
CA GLN A 109 12.30 -10.91 8.20
C GLN A 109 12.28 -10.26 9.58
N LEU A 110 13.11 -10.74 10.48
CA LEU A 110 13.14 -10.13 11.78
C LEU A 110 13.69 -8.70 11.72
N ALA A 111 14.72 -8.49 10.90
CA ALA A 111 15.27 -7.14 10.70
C ALA A 111 14.26 -6.16 10.08
N LYS A 112 13.53 -6.60 9.04
CA LYS A 112 12.50 -5.79 8.36
C LYS A 112 11.48 -5.27 9.37
N LEU A 113 10.98 -6.18 10.20
CA LEU A 113 10.11 -5.86 11.31
C LEU A 113 10.71 -4.85 12.29
N CYS A 114 11.92 -5.11 12.77
CA CYS A 114 12.44 -4.38 13.92
C CYS A 114 12.96 -3.01 13.54
N TYR A 115 13.10 -2.79 12.24
CA TYR A 115 13.43 -1.47 11.71
C TYR A 115 12.19 -0.72 11.24
N ASP A 116 11.05 -1.40 11.19
CA ASP A 116 9.83 -0.78 10.67
C ASP A 116 9.19 0.15 11.72
N PRO A 117 8.92 1.41 11.32
CA PRO A 117 8.20 2.36 12.17
C PRO A 117 6.91 1.78 12.76
N ASP A 118 6.19 0.96 11.97
CA ASP A 118 4.98 0.27 12.44
C ASP A 118 5.25 -1.04 13.23
N PHE A 119 6.37 -1.05 13.96
CA PHE A 119 6.83 -2.25 14.67
C PHE A 119 5.73 -2.84 15.50
N GLU A 120 5.09 -2.00 16.31
CA GLU A 120 4.05 -2.43 17.26
C GLU A 120 2.86 -3.11 16.57
N LYS A 121 2.42 -2.55 15.44
CA LYS A 121 1.30 -3.12 14.69
C LYS A 121 1.70 -4.41 13.98
N LEU A 122 2.97 -4.46 13.56
CA LEU A 122 3.43 -5.54 12.68
C LEU A 122 3.87 -6.76 13.50
N LYS A 123 4.33 -6.52 14.73
CA LYS A 123 4.81 -7.60 15.62
C LYS A 123 3.94 -8.87 15.70
N PRO A 124 2.63 -8.74 15.98
CA PRO A 124 1.78 -9.93 16.11
C PRO A 124 1.78 -10.88 14.90
N GLU A 125 1.73 -10.33 13.69
CA GLU A 125 1.68 -11.11 12.48
C GLU A 125 2.96 -11.93 12.35
N TYR A 126 4.07 -11.33 12.78
CA TYR A 126 5.37 -11.99 12.72
C TYR A 126 5.40 -13.16 13.68
N LEU A 127 4.89 -12.91 14.90
CA LEU A 127 4.74 -13.98 15.89
C LEU A 127 3.72 -15.08 15.53
N GLN A 128 2.71 -14.75 14.72
CA GLN A 128 1.81 -15.73 14.10
C GLN A 128 2.57 -16.71 13.20
N ALA A 129 3.41 -16.16 12.33
CA ALA A 129 4.15 -16.96 11.37
C ALA A 129 5.34 -17.66 12.01
N LEU A 130 5.80 -17.13 13.15
CA LEU A 130 7.00 -17.62 13.83
C LEU A 130 7.06 -19.14 14.05
N PRO A 131 6.01 -19.74 14.66
CA PRO A 131 6.03 -21.21 14.84
C PRO A 131 6.27 -22.04 13.58
N GLU A 132 5.69 -21.63 12.46
CA GLU A 132 5.82 -22.38 11.19
C GLU A 132 7.24 -22.28 10.64
N MET A 133 7.84 -21.11 10.80
CA MET A 133 9.23 -20.94 10.46
C MET A 133 10.13 -21.87 11.28
N LEU A 134 9.95 -21.89 12.60
CA LEU A 134 10.73 -22.77 13.44
C LEU A 134 10.45 -24.25 13.16
N LYS A 135 9.20 -24.57 12.83
CA LYS A 135 8.82 -25.96 12.59
C LYS A 135 9.58 -26.62 11.44
N LEU A 136 9.75 -25.83 10.37
CA LEU A 136 10.51 -26.26 9.18
C LEU A 136 12.02 -26.43 9.45
N TYR A 137 12.57 -25.57 10.30
CA TYR A 137 13.93 -25.74 10.74
C TYR A 137 14.09 -26.99 11.58
N SER A 138 13.09 -27.25 12.42
CA SER A 138 13.10 -28.39 13.35
C SER A 138 13.00 -29.69 12.61
N GLN A 139 12.08 -29.75 11.64
CA GLN A 139 11.88 -30.93 10.83
C GLN A 139 13.13 -31.25 10.08
N PHE A 140 13.77 -30.21 9.58
CA PHE A 140 14.95 -30.38 8.76
C PHE A 140 16.14 -30.92 9.55
N LEU A 141 16.27 -30.46 10.81
CA LEU A 141 17.40 -30.86 11.64
C LEU A 141 17.16 -32.27 12.17
N GLY A 142 15.90 -32.56 12.49
CA GLY A 142 15.51 -33.88 12.94
C GLY A 142 16.29 -34.26 14.17
N LYS A 143 16.98 -35.39 14.08
CA LYS A 143 17.66 -35.99 15.23
C LYS A 143 19.14 -35.72 15.16
N GLN A 144 19.58 -35.01 14.13
CA GLN A 144 21.00 -34.77 13.92
C GLN A 144 21.56 -33.75 14.91
N PRO A 145 22.84 -33.90 15.30
CA PRO A 145 23.45 -32.88 16.16
C PRO A 145 23.60 -31.55 15.45
N TRP A 146 23.95 -31.60 14.16
CA TRP A 146 24.20 -30.41 13.37
C TRP A 146 23.39 -30.44 12.06
N PHE A 147 23.24 -29.28 11.44
CA PHE A 147 22.32 -29.13 10.32
C PHE A 147 22.74 -29.86 9.06
N LEU A 148 24.03 -30.09 8.89
CA LEU A 148 24.45 -30.93 7.80
C LEU A 148 24.63 -32.40 8.21
N GLY A 149 24.39 -32.71 9.49
CA GLY A 149 24.50 -34.07 9.98
C GLY A 149 25.41 -34.30 11.17
N ASP A 150 26.45 -35.10 10.96
CA ASP A 150 27.34 -35.50 12.06
C ASP A 150 28.36 -34.44 12.38
N LYS A 151 28.83 -33.77 11.36
CA LYS A 151 29.90 -32.83 11.56
C LYS A 151 29.38 -31.41 11.52
N ILE A 152 29.87 -30.59 12.44
CA ILE A 152 29.53 -29.18 12.48
C ILE A 152 30.15 -28.45 11.26
N THR A 153 29.39 -27.54 10.67
CA THR A 153 29.88 -26.73 9.55
C THR A 153 29.54 -25.27 9.80
N PHE A 154 29.77 -24.43 8.81
CA PHE A 154 29.48 -23.01 8.98
C PHE A 154 28.02 -22.65 9.17
N VAL A 155 27.10 -23.36 8.50
CA VAL A 155 25.68 -23.01 8.60
C VAL A 155 25.17 -23.09 10.03
N ASP A 156 25.78 -23.98 10.81
CA ASP A 156 25.39 -24.14 12.20
C ASP A 156 25.58 -22.83 12.94
N PHE A 157 26.61 -22.08 12.55
CA PHE A 157 26.90 -20.79 13.12
C PHE A 157 25.92 -19.72 12.69
N ILE A 158 25.47 -19.79 11.44
CA ILE A 158 24.35 -18.97 11.01
C ILE A 158 23.06 -19.40 11.75
N ALA A 159 22.72 -20.68 11.62
CA ALA A 159 21.64 -21.29 12.34
C ALA A 159 21.55 -20.76 13.76
N TYR A 160 22.67 -20.77 14.49
CA TYR A 160 22.62 -20.41 15.89
C TYR A 160 22.20 -18.95 16.05
N ASP A 161 22.91 -18.05 15.37
CA ASP A 161 22.62 -16.63 15.42
C ASP A 161 21.15 -16.33 15.17
N VAL A 162 20.62 -16.76 14.03
CA VAL A 162 19.21 -16.47 13.71
C VAL A 162 18.15 -17.13 14.61
N LEU A 163 18.43 -18.35 15.07
CA LEU A 163 17.53 -19.05 15.96
C LEU A 163 17.57 -18.46 17.37
N GLU A 164 18.79 -18.25 17.85
CA GLU A 164 18.95 -17.67 19.17
C GLU A 164 18.37 -16.28 19.28
N ARG A 165 18.57 -15.45 18.26
CA ARG A 165 18.09 -14.09 18.32
C ARG A 165 16.56 -14.01 18.30
N ASN A 166 15.92 -15.04 17.72
CA ASN A 166 14.47 -15.18 17.82
C ASN A 166 14.05 -15.48 19.24
N GLN A 167 14.84 -16.34 19.88
CA GLN A 167 14.67 -16.64 21.29
C GLN A 167 14.94 -15.44 22.21
N VAL A 168 15.80 -14.50 21.81
CA VAL A 168 15.82 -13.23 22.54
C VAL A 168 14.66 -12.31 22.21
N PHE A 169 14.06 -12.50 21.04
CA PHE A 169 12.95 -11.66 20.65
C PHE A 169 11.69 -12.12 21.32
N GLU A 170 11.43 -13.42 21.21
CA GLU A 170 10.29 -14.08 21.86
C GLU A 170 10.83 -15.31 22.61
N PRO A 171 11.03 -15.18 23.93
CA PRO A 171 11.76 -16.18 24.70
C PRO A 171 11.16 -17.57 24.67
N SER A 172 9.84 -17.64 24.50
CA SER A 172 9.20 -18.95 24.49
C SER A 172 9.20 -19.66 23.13
N CYS A 173 9.77 -19.04 22.10
CA CYS A 173 9.55 -19.50 20.69
C CYS A 173 10.11 -20.86 20.27
N LEU A 174 11.04 -21.38 21.07
CA LEU A 174 11.65 -22.66 20.78
C LEU A 174 11.09 -23.79 21.65
N ASP A 175 10.12 -23.47 22.52
CA ASP A 175 9.64 -24.39 23.56
C ASP A 175 8.97 -25.57 22.94
N ALA A 176 8.23 -25.35 21.87
CA ALA A 176 7.57 -26.41 21.10
C ALA A 176 8.53 -27.32 20.36
N PHE A 177 9.81 -26.95 20.35
CA PHE A 177 10.77 -27.57 19.44
C PHE A 177 12.03 -28.00 20.19
N PRO A 178 11.96 -29.17 20.84
CA PRO A 178 13.03 -29.57 21.78
C PRO A 178 14.39 -29.69 21.09
N ASN A 179 14.40 -30.22 19.87
CA ASN A 179 15.64 -30.36 19.11
C ASN A 179 16.37 -29.06 18.78
N LEU A 180 15.61 -27.99 18.61
CA LEU A 180 16.18 -26.67 18.41
C LEU A 180 16.74 -26.11 19.71
N LYS A 181 16.04 -26.37 20.82
CA LYS A 181 16.53 -26.00 22.15
C LYS A 181 17.84 -26.70 22.49
N ASP A 182 17.89 -27.99 22.20
CA ASP A 182 19.11 -28.80 22.35
C ASP A 182 20.23 -28.34 21.45
N PHE A 183 19.88 -27.95 20.22
CA PHE A 183 20.83 -27.33 19.31
C PHE A 183 21.54 -26.12 19.94
N ILE A 184 20.73 -25.19 20.44
CA ILE A 184 21.22 -24.03 21.18
C ILE A 184 22.17 -24.43 22.30
N SER A 185 21.75 -25.36 23.14
CA SER A 185 22.64 -25.84 24.21
C SER A 185 23.94 -26.49 23.69
N ARG A 186 23.80 -27.40 22.74
CA ARG A 186 24.94 -28.05 22.10
C ARG A 186 25.93 -26.98 21.70
N PHE A 187 25.41 -25.98 21.00
CA PHE A 187 26.27 -24.96 20.42
C PHE A 187 26.95 -24.18 21.53
N GLU A 188 26.16 -23.65 22.45
CA GLU A 188 26.69 -22.83 23.51
C GLU A 188 27.60 -23.64 24.44
N GLY A 189 27.44 -24.95 24.42
CA GLY A 189 28.25 -25.80 25.26
C GLY A 189 29.59 -26.17 24.66
N LEU A 190 29.84 -25.77 23.41
CA LEU A 190 31.11 -26.12 22.77
C LEU A 190 32.23 -25.46 23.52
N GLU A 191 33.29 -26.21 23.82
CA GLU A 191 34.39 -25.75 24.68
C GLU A 191 34.85 -24.30 24.42
N LYS A 192 35.18 -23.98 23.15
CA LYS A 192 35.60 -22.62 22.77
C LYS A 192 34.45 -21.57 22.76
N ILE A 193 33.29 -21.97 22.27
CA ILE A 193 32.14 -21.07 22.27
C ILE A 193 31.77 -20.68 23.70
N SER A 194 31.72 -21.66 24.60
CA SER A 194 31.44 -21.45 26.01
C SER A 194 32.47 -20.53 26.64
N ALA A 195 33.76 -20.77 26.38
CA ALA A 195 34.82 -19.90 26.91
C ALA A 195 34.66 -18.48 26.39
N TYR A 196 34.41 -18.34 25.10
CA TYR A 196 34.17 -17.03 24.47
C TYR A 196 33.01 -16.31 25.12
N MET A 197 31.90 -17.02 25.29
CA MET A 197 30.65 -16.40 25.75
C MET A 197 30.79 -15.90 27.17
N LYS A 198 31.76 -16.46 27.89
CA LYS A 198 32.06 -16.01 29.24
C LYS A 198 33.14 -14.97 29.26
N SER A 199 33.65 -14.56 28.09
CA SER A 199 34.74 -13.60 28.04
C SER A 199 34.25 -12.16 27.86
N SER A 200 35.16 -11.19 27.96
CA SER A 200 34.81 -9.79 27.84
C SER A 200 34.40 -9.44 26.41
N ARG A 201 34.92 -10.20 25.45
CA ARG A 201 34.65 -9.93 24.04
C ARG A 201 33.17 -10.08 23.71
N PHE A 202 32.59 -11.19 24.16
CA PHE A 202 31.26 -11.59 23.70
C PHE A 202 30.33 -10.38 23.59
N LEU A 203 29.68 -10.25 22.44
CA LEU A 203 28.85 -9.09 22.16
C LEU A 203 27.43 -9.44 21.66
N PRO A 204 26.56 -9.91 22.57
CA PRO A 204 25.25 -10.45 22.19
C PRO A 204 24.17 -9.39 22.01
N ARG A 205 24.53 -8.16 22.36
CA ARG A 205 23.63 -7.01 22.29
C ARG A 205 24.48 -5.75 22.03
N PRO A 206 23.91 -4.72 21.37
CA PRO A 206 22.57 -4.62 20.78
C PRO A 206 22.51 -5.56 19.60
N VAL A 207 21.30 -6.08 19.33
CA VAL A 207 21.10 -6.94 18.17
C VAL A 207 21.29 -6.13 16.88
N PHE A 208 20.67 -4.96 16.82
CA PHE A 208 20.63 -4.19 15.60
C PHE A 208 21.36 -2.86 15.81
N THR A 209 21.44 -2.03 14.76
CA THR A 209 21.99 -0.66 14.86
C THR A 209 21.03 0.30 15.58
N LYS A 210 21.57 1.45 15.98
CA LYS A 210 20.79 2.48 16.67
C LYS A 210 19.52 2.95 15.93
N MET A 211 19.45 2.66 14.63
CA MET A 211 18.27 3.01 13.84
C MET A 211 17.07 2.09 14.08
N ALA A 212 17.30 0.96 14.75
CA ALA A 212 16.23 -0.01 15.01
C ALA A 212 15.17 0.49 15.99
N VAL A 213 13.94 0.02 15.80
CA VAL A 213 12.89 0.27 16.79
C VAL A 213 13.05 -0.74 17.93
N TRP A 214 13.29 -2.00 17.58
CA TRP A 214 13.56 -3.02 18.60
C TRP A 214 15.00 -3.45 18.55
N GLY A 215 15.66 -3.51 19.70
CA GLY A 215 17.02 -4.08 19.77
C GLY A 215 18.09 -3.11 19.30
N ASN A 216 17.83 -1.81 19.48
CA ASN A 216 18.79 -0.75 19.17
C ASN A 216 19.84 -0.59 20.26
N LYS A 217 19.45 -0.96 21.48
CA LYS A 217 20.39 -1.06 22.62
C LYS A 217 20.38 -2.50 23.12
N PRO B 1 12.57 -35.26 -16.94
CA PRO B 1 12.99 -33.85 -16.97
C PRO B 1 12.83 -33.19 -15.60
N MET B 2 13.79 -32.34 -15.25
CA MET B 2 13.68 -31.45 -14.09
C MET B 2 12.48 -30.54 -14.20
N THR B 3 11.94 -30.14 -13.06
CA THR B 3 10.83 -29.22 -13.06
C THR B 3 11.28 -27.94 -12.38
N LEU B 4 11.10 -26.82 -13.07
CA LEU B 4 11.32 -25.51 -12.50
C LEU B 4 9.96 -24.86 -12.25
N GLY B 5 9.63 -24.66 -10.96
CA GLY B 5 8.42 -23.96 -10.56
C GLY B 5 8.71 -22.52 -10.19
N TYR B 6 7.94 -21.58 -10.75
CA TYR B 6 7.97 -20.19 -10.38
C TYR B 6 6.71 -19.49 -10.91
N TRP B 7 6.51 -18.26 -10.44
CA TRP B 7 5.53 -17.36 -11.06
C TRP B 7 5.82 -17.15 -12.54
N ASN B 8 4.80 -16.77 -13.28
CA ASN B 8 4.92 -16.52 -14.71
C ASN B 8 5.57 -15.17 -15.00
N ILE B 9 6.66 -14.89 -14.30
CA ILE B 9 7.44 -13.67 -14.54
C ILE B 9 8.94 -13.96 -14.72
N ARG B 10 9.70 -12.93 -15.09
CA ARG B 10 11.15 -12.95 -15.03
C ARG B 10 11.66 -13.24 -13.62
N GLY B 11 11.45 -12.28 -12.71
CA GLY B 11 11.86 -12.37 -11.32
C GLY B 11 13.20 -13.05 -11.07
N LEU B 12 13.18 -14.04 -10.18
CA LEU B 12 14.36 -14.74 -9.70
C LEU B 12 14.64 -16.04 -10.48
N ALA B 13 13.83 -16.31 -11.52
CA ALA B 13 13.99 -17.52 -12.30
C ALA B 13 14.84 -17.27 -13.54
N HIS B 14 15.04 -16.01 -13.86
CA HIS B 14 15.70 -15.66 -15.10
C HIS B 14 17.06 -16.34 -15.24
N SER B 15 17.88 -16.25 -14.19
CA SER B 15 19.23 -16.73 -14.25
C SER B 15 19.19 -18.24 -14.34
N ILE B 16 18.25 -18.82 -13.59
CA ILE B 16 18.03 -20.25 -13.59
C ILE B 16 17.61 -20.74 -14.95
N ARG B 17 16.65 -20.05 -15.57
CA ARG B 17 16.16 -20.42 -16.89
C ARG B 17 17.30 -20.41 -17.88
N LEU B 18 18.12 -19.37 -17.80
CA LEU B 18 19.19 -19.18 -18.75
C LEU B 18 20.26 -20.24 -18.49
N LEU B 19 20.51 -20.53 -17.22
CA LEU B 19 21.52 -21.54 -16.90
C LEU B 19 21.12 -22.91 -17.40
N LEU B 20 19.85 -23.27 -17.18
CA LEU B 20 19.26 -24.52 -17.69
C LEU B 20 19.34 -24.66 -19.20
N GLU B 21 19.11 -23.57 -19.92
CA GLU B 21 19.27 -23.52 -21.36
C GLU B 21 20.73 -23.63 -21.83
N TYR B 22 21.60 -22.77 -21.31
CA TYR B 22 23.03 -22.90 -21.53
C TYR B 22 23.58 -24.30 -21.32
N THR B 23 23.26 -24.91 -20.19
CA THR B 23 23.81 -26.24 -19.83
C THR B 23 23.13 -27.37 -20.58
N ASP B 24 22.20 -27.03 -21.46
CA ASP B 24 21.46 -28.01 -22.25
C ASP B 24 20.68 -28.95 -21.35
N SER B 25 20.13 -28.43 -20.26
CA SER B 25 19.47 -29.26 -19.29
C SER B 25 18.07 -29.64 -19.73
N SER B 26 17.71 -30.90 -19.49
CA SER B 26 16.38 -31.36 -19.78
C SER B 26 15.43 -30.87 -18.67
N TYR B 27 14.57 -29.91 -18.99
CA TYR B 27 13.69 -29.29 -17.99
C TYR B 27 12.37 -28.80 -18.57
N GLU B 28 11.32 -28.81 -17.75
CA GLU B 28 10.09 -28.10 -18.09
C GLU B 28 9.61 -27.25 -16.95
N GLU B 29 8.76 -26.29 -17.25
CA GLU B 29 8.37 -25.26 -16.27
C GLU B 29 6.99 -25.51 -15.71
N LYS B 30 6.89 -25.51 -14.37
CA LYS B 30 5.59 -25.35 -13.71
C LYS B 30 5.31 -23.89 -13.37
N LYS B 31 4.50 -23.24 -14.21
CA LYS B 31 4.25 -21.80 -14.11
C LYS B 31 2.99 -21.44 -13.34
N TYR B 32 3.18 -20.73 -12.24
CA TYR B 32 2.08 -20.33 -11.39
C TYR B 32 1.64 -18.93 -11.79
N THR B 33 0.33 -18.68 -11.85
CA THR B 33 -0.14 -17.32 -12.18
C THR B 33 -0.79 -16.60 -11.00
N MET B 34 -0.24 -15.46 -10.63
CA MET B 34 -0.88 -14.58 -9.66
C MET B 34 -2.13 -13.91 -10.21
N GLY B 35 -3.19 -13.88 -9.42
CA GLY B 35 -4.36 -13.05 -9.73
C GLY B 35 -4.04 -11.56 -9.86
N ASP B 36 -4.99 -10.80 -10.38
CA ASP B 36 -4.90 -9.34 -10.43
C ASP B 36 -5.26 -8.71 -9.10
N ALA B 37 -5.01 -7.40 -9.01
CA ALA B 37 -5.61 -6.51 -8.04
C ALA B 37 -7.13 -6.56 -8.11
N PRO B 38 -7.80 -6.41 -6.95
CA PRO B 38 -7.26 -6.16 -5.60
C PRO B 38 -6.77 -7.44 -4.90
N ASP B 39 -7.19 -8.59 -5.42
CA ASP B 39 -6.89 -9.88 -4.85
C ASP B 39 -5.38 -10.16 -4.73
N TYR B 40 -4.67 -10.02 -5.85
CA TYR B 40 -3.37 -10.69 -6.05
C TYR B 40 -3.42 -12.12 -5.58
N ASP B 41 -4.41 -12.85 -6.09
CA ASP B 41 -4.80 -14.12 -5.53
C ASP B 41 -3.70 -15.11 -5.87
N ARG B 42 -3.27 -15.87 -4.87
CA ARG B 42 -2.03 -16.65 -4.97
C ARG B 42 -2.33 -18.13 -4.92
N SER B 43 -3.60 -18.48 -5.04
CA SER B 43 -4.07 -19.79 -4.61
C SER B 43 -3.56 -20.95 -5.46
N GLN B 44 -3.26 -20.67 -6.72
CA GLN B 44 -2.60 -21.64 -7.60
C GLN B 44 -1.39 -22.22 -6.91
N TRP B 45 -0.54 -21.35 -6.39
CA TRP B 45 0.65 -21.76 -5.66
C TRP B 45 0.27 -22.30 -4.29
N LEU B 46 -0.54 -21.55 -3.57
CA LEU B 46 -0.87 -21.89 -2.20
C LEU B 46 -1.45 -23.29 -2.05
N ASN B 47 -2.32 -23.70 -2.96
CA ASN B 47 -2.89 -25.04 -2.91
C ASN B 47 -1.83 -26.13 -2.84
N GLU B 48 -0.95 -26.17 -3.82
CA GLU B 48 0.05 -27.23 -3.86
C GLU B 48 1.42 -26.86 -3.27
N LYS B 49 1.48 -25.72 -2.60
CA LYS B 49 2.70 -25.26 -1.89
C LYS B 49 3.28 -26.31 -0.93
N PHE B 50 2.40 -26.95 -0.15
CA PHE B 50 2.84 -27.91 0.86
C PHE B 50 2.77 -29.36 0.42
N LYS B 51 2.63 -29.56 -0.89
CA LYS B 51 2.39 -30.86 -1.51
C LYS B 51 3.50 -31.32 -2.42
N LEU B 52 4.52 -30.49 -2.59
CA LEU B 52 5.63 -30.84 -3.46
C LEU B 52 6.81 -31.50 -2.74
N GLY B 53 6.68 -31.61 -1.42
CA GLY B 53 7.66 -32.31 -0.61
C GLY B 53 8.92 -31.51 -0.50
N LEU B 54 8.79 -30.18 -0.54
CA LEU B 54 9.96 -29.33 -0.33
C LEU B 54 10.12 -29.07 1.15
N ASP B 55 11.37 -29.06 1.62
CA ASP B 55 11.64 -28.81 3.04
C ASP B 55 11.26 -27.40 3.45
N PHE B 56 11.56 -26.43 2.58
CA PHE B 56 11.18 -25.04 2.82
C PHE B 56 10.43 -24.45 1.61
N PRO B 57 9.13 -24.81 1.43
CA PRO B 57 8.37 -24.48 0.22
C PRO B 57 8.48 -23.02 -0.15
N ASN B 58 8.78 -22.79 -1.43
CA ASN B 58 9.19 -21.48 -1.92
C ASN B 58 9.24 -21.42 -3.45
N LEU B 59 9.11 -20.22 -3.99
CA LEU B 59 9.27 -20.03 -5.43
C LEU B 59 10.48 -19.14 -5.66
N PRO B 60 11.47 -19.59 -6.46
CA PRO B 60 11.41 -20.74 -7.35
C PRO B 60 11.76 -22.04 -6.65
N TYR B 61 11.36 -23.15 -7.27
CA TYR B 61 11.83 -24.45 -6.86
C TYR B 61 12.30 -25.30 -8.04
N LEU B 62 13.24 -26.18 -7.76
CA LEU B 62 13.67 -27.17 -8.74
C LEU B 62 13.44 -28.59 -8.20
N ILE B 63 12.72 -29.38 -8.97
CA ILE B 63 12.65 -30.80 -8.71
C ILE B 63 13.47 -31.59 -9.72
N ASP B 64 14.51 -32.24 -9.22
CA ASP B 64 15.34 -33.14 -10.02
C ASP B 64 15.32 -34.53 -9.41
N GLY B 65 14.18 -35.22 -9.55
CA GLY B 65 14.06 -36.60 -9.09
C GLY B 65 14.11 -36.63 -7.59
N THR B 66 15.24 -37.08 -7.05
CA THR B 66 15.39 -37.22 -5.59
C THR B 66 15.54 -35.86 -4.94
N HIS B 67 16.15 -34.95 -5.68
CA HIS B 67 16.50 -33.62 -5.18
C HIS B 67 15.36 -32.67 -5.38
N LYS B 68 14.95 -32.03 -4.29
CA LYS B 68 13.97 -30.96 -4.33
C LYS B 68 14.59 -29.74 -3.68
N ILE B 69 14.69 -28.66 -4.45
CA ILE B 69 15.52 -27.51 -4.09
C ILE B 69 14.70 -26.24 -4.18
N THR B 70 14.72 -25.47 -3.10
CA THR B 70 14.25 -24.10 -3.08
C THR B 70 15.43 -23.16 -2.83
N GLN B 71 15.18 -21.84 -2.79
CA GLN B 71 16.24 -20.80 -2.78
C GLN B 71 16.98 -20.69 -4.09
N SER B 72 16.91 -19.53 -4.71
CA SER B 72 17.33 -19.40 -6.10
C SER B 72 18.82 -19.60 -6.29
N ASN B 73 19.62 -19.13 -5.34
CA ASN B 73 21.08 -19.35 -5.36
C ASN B 73 21.48 -20.82 -5.19
N ALA B 74 20.77 -21.51 -4.31
CA ALA B 74 20.92 -22.94 -4.15
C ALA B 74 20.64 -23.69 -5.45
N ILE B 75 19.60 -23.30 -6.19
CA ILE B 75 19.23 -23.95 -7.45
C ILE B 75 20.34 -23.68 -8.47
N LEU B 76 20.81 -22.45 -8.50
CA LEU B 76 21.86 -22.08 -9.43
C LEU B 76 23.13 -22.89 -9.14
N ARG B 77 23.52 -23.00 -7.87
CA ARG B 77 24.72 -23.74 -7.49
C ARG B 77 24.59 -25.22 -7.79
N TYR B 78 23.41 -25.78 -7.52
CA TYR B 78 23.11 -27.16 -7.85
C TYR B 78 23.46 -27.50 -9.28
N ILE B 79 22.93 -26.69 -10.22
CA ILE B 79 23.06 -26.93 -11.66
C ILE B 79 24.46 -26.60 -12.11
N ALA B 80 25.08 -25.61 -11.45
CA ALA B 80 26.43 -25.21 -11.78
C ALA B 80 27.40 -26.35 -11.47
N ARG B 81 27.21 -27.02 -10.34
CA ARG B 81 28.08 -28.09 -9.93
C ARG B 81 27.99 -29.25 -10.92
N LYS B 82 26.79 -29.47 -11.44
CA LYS B 82 26.56 -30.61 -12.30
C LYS B 82 27.27 -30.45 -13.65
N HIS B 83 27.68 -29.22 -13.98
CA HIS B 83 28.17 -28.93 -15.31
C HIS B 83 29.48 -28.17 -15.26
N ASN B 84 30.18 -28.32 -14.15
CA ASN B 84 31.45 -27.66 -13.94
C ASN B 84 31.43 -26.17 -14.31
N LEU B 85 30.55 -25.42 -13.66
CA LEU B 85 30.45 -23.97 -13.90
C LEU B 85 30.55 -23.29 -12.56
N CYS B 86 31.60 -23.65 -11.84
CA CYS B 86 31.85 -23.18 -10.46
C CYS B 86 33.27 -22.63 -10.38
N GLY B 87 33.50 -21.71 -9.44
CA GLY B 87 34.86 -21.33 -9.09
C GLY B 87 35.60 -22.53 -8.51
N GLU B 88 36.82 -22.75 -8.97
CA GLU B 88 37.60 -23.91 -8.51
C GLU B 88 38.59 -23.51 -7.41
N SER B 89 39.49 -22.60 -7.73
CA SER B 89 40.48 -22.11 -6.76
C SER B 89 39.86 -21.33 -5.59
N GLU B 90 40.66 -21.08 -4.56
CA GLU B 90 40.26 -20.26 -3.42
C GLU B 90 39.88 -18.88 -3.89
N LYS B 91 40.76 -18.24 -4.67
CA LYS B 91 40.56 -16.86 -5.14
C LYS B 91 39.28 -16.73 -5.91
N GLU B 92 39.02 -17.71 -6.79
CA GLU B 92 37.73 -17.83 -7.48
C GLU B 92 36.54 -18.02 -6.57
N GLN B 93 36.69 -18.88 -5.57
CA GLN B 93 35.58 -19.18 -4.69
C GLN B 93 35.20 -17.96 -3.86
N ILE B 94 36.22 -17.27 -3.35
CA ILE B 94 36.08 -15.98 -2.67
C ILE B 94 35.34 -14.97 -3.55
N ARG B 95 35.75 -14.89 -4.82
CA ARG B 95 35.15 -13.93 -5.75
C ARG B 95 33.68 -14.29 -6.02
N GLU B 96 33.41 -15.59 -6.10
CA GLU B 96 32.11 -16.15 -6.39
C GLU B 96 31.15 -15.84 -5.26
N ASP B 97 31.61 -16.07 -4.04
CA ASP B 97 30.77 -15.87 -2.85
C ASP B 97 30.47 -14.38 -2.65
N ILE B 98 31.51 -13.54 -2.77
CA ILE B 98 31.31 -12.09 -2.78
C ILE B 98 30.25 -11.69 -3.81
N LEU B 99 30.44 -12.10 -5.07
CA LEU B 99 29.57 -11.64 -6.15
C LEU B 99 28.13 -12.12 -6.04
N GLU B 100 27.93 -13.40 -5.75
CA GLU B 100 26.59 -13.95 -5.48
C GLU B 100 25.78 -13.14 -4.45
N ASN B 101 26.42 -12.80 -3.33
CA ASN B 101 25.77 -12.02 -2.30
C ASN B 101 25.65 -10.55 -2.66
N GLN B 102 26.62 -10.03 -3.41
CA GLN B 102 26.61 -8.61 -3.73
C GLN B 102 25.50 -8.35 -4.74
N PHE B 103 25.51 -9.11 -5.83
CA PHE B 103 24.47 -9.01 -6.86
C PHE B 103 23.08 -9.13 -6.24
N MET B 104 22.97 -9.97 -5.22
CA MET B 104 21.68 -10.22 -4.58
C MET B 104 21.23 -9.01 -3.77
N ASP B 105 22.19 -8.32 -3.14
CA ASP B 105 21.92 -7.03 -2.53
C ASP B 105 21.47 -6.01 -3.57
N SER B 106 22.13 -6.01 -4.72
CA SER B 106 21.78 -5.10 -5.80
C SER B 106 20.39 -5.39 -6.37
N ARG B 107 20.09 -6.68 -6.54
CA ARG B 107 18.83 -7.12 -7.07
C ARG B 107 17.74 -6.57 -6.20
N MET B 108 17.94 -6.74 -4.89
CA MET B 108 16.94 -6.40 -3.89
C MET B 108 16.70 -4.90 -3.74
N GLN B 109 17.74 -4.11 -3.97
CA GLN B 109 17.63 -2.67 -4.03
C GLN B 109 16.64 -2.26 -5.12
N LEU B 110 16.76 -2.84 -6.31
CA LEU B 110 15.82 -2.49 -7.36
C LEU B 110 14.40 -2.95 -7.00
N ALA B 111 14.30 -4.12 -6.39
CA ALA B 111 13.01 -4.68 -6.02
C ALA B 111 12.34 -3.88 -4.91
N LYS B 112 13.09 -3.50 -3.88
CA LYS B 112 12.58 -2.64 -2.82
C LYS B 112 11.95 -1.38 -3.41
N LEU B 113 12.65 -0.75 -4.34
CA LEU B 113 12.21 0.47 -4.98
C LEU B 113 10.93 0.24 -5.76
N CYS B 114 10.93 -0.76 -6.62
CA CYS B 114 9.86 -0.95 -7.58
C CYS B 114 8.58 -1.50 -6.96
N TYR B 115 8.68 -1.97 -5.72
CA TYR B 115 7.52 -2.38 -4.93
C TYR B 115 7.07 -1.32 -3.94
N ASP B 116 7.86 -0.26 -3.79
CA ASP B 116 7.53 0.80 -2.85
C ASP B 116 6.44 1.71 -3.40
N PRO B 117 5.41 1.98 -2.59
CA PRO B 117 4.38 2.95 -2.90
C PRO B 117 4.89 4.33 -3.28
N ASP B 118 5.98 4.74 -2.66
CA ASP B 118 6.66 5.98 -3.00
C ASP B 118 7.68 5.84 -4.14
N PHE B 119 7.39 4.98 -5.10
CA PHE B 119 8.29 4.72 -6.23
C PHE B 119 8.76 6.02 -6.89
N GLU B 120 7.81 6.91 -7.22
CA GLU B 120 8.10 8.14 -7.96
C GLU B 120 9.07 9.03 -7.21
N LYS B 121 8.86 9.17 -5.90
CA LYS B 121 9.72 10.01 -5.07
C LYS B 121 11.08 9.39 -4.84
N LEU B 122 11.11 8.05 -4.81
CA LEU B 122 12.30 7.31 -4.45
C LEU B 122 13.23 7.03 -5.65
N LYS B 123 12.65 6.97 -6.84
CA LYS B 123 13.40 6.72 -8.07
C LYS B 123 14.69 7.54 -8.31
N PRO B 124 14.64 8.88 -8.13
CA PRO B 124 15.86 9.68 -8.37
C PRO B 124 17.09 9.33 -7.53
N GLU B 125 16.85 9.04 -6.25
CA GLU B 125 17.94 8.71 -5.33
C GLU B 125 18.61 7.40 -5.74
N TYR B 126 17.81 6.46 -6.23
CA TYR B 126 18.33 5.20 -6.73
C TYR B 126 19.16 5.45 -7.98
N LEU B 127 18.65 6.28 -8.88
CA LEU B 127 19.44 6.62 -10.06
C LEU B 127 20.71 7.42 -9.75
N GLN B 128 20.70 8.16 -8.64
CA GLN B 128 21.90 8.84 -8.14
C GLN B 128 22.97 7.84 -7.77
N ALA B 129 22.56 6.81 -7.03
CA ALA B 129 23.47 5.79 -6.57
C ALA B 129 23.87 4.83 -7.67
N LEU B 130 23.02 4.70 -8.69
CA LEU B 130 23.21 3.71 -9.74
C LEU B 130 24.60 3.65 -10.40
N PRO B 131 25.15 4.80 -10.86
CA PRO B 131 26.49 4.78 -11.44
C PRO B 131 27.60 4.19 -10.55
N GLU B 132 27.57 4.47 -9.25
CA GLU B 132 28.58 3.97 -8.33
C GLU B 132 28.49 2.45 -8.20
N MET B 133 27.26 1.96 -8.17
CA MET B 133 27.01 0.54 -8.16
C MET B 133 27.61 -0.13 -9.38
N LEU B 134 27.31 0.41 -10.55
CA LEU B 134 27.82 -0.15 -11.78
C LEU B 134 29.33 -0.06 -11.82
N LYS B 135 29.89 1.01 -11.24
CA LYS B 135 31.32 1.28 -11.37
C LYS B 135 32.13 0.20 -10.68
N LEU B 136 31.61 -0.30 -9.56
CA LEU B 136 32.29 -1.29 -8.73
C LEU B 136 32.25 -2.65 -9.40
N TYR B 137 31.12 -2.93 -10.08
CA TYR B 137 31.01 -4.10 -10.93
C TYR B 137 31.97 -4.07 -12.11
N SER B 138 32.10 -2.89 -12.70
CA SER B 138 32.95 -2.70 -13.85
C SER B 138 34.41 -2.91 -13.49
N GLN B 139 34.86 -2.24 -12.42
CA GLN B 139 36.23 -2.34 -11.92
C GLN B 139 36.57 -3.81 -11.63
N PHE B 140 35.63 -4.48 -10.98
CA PHE B 140 35.82 -5.86 -10.61
C PHE B 140 35.97 -6.78 -11.82
N LEU B 141 35.20 -6.51 -12.87
CA LEU B 141 35.26 -7.34 -14.04
C LEU B 141 36.53 -7.05 -14.84
N GLY B 142 36.91 -5.77 -14.89
CA GLY B 142 38.13 -5.36 -15.55
C GLY B 142 38.07 -5.78 -17.00
N LYS B 143 39.11 -6.47 -17.43
CA LYS B 143 39.29 -6.83 -18.83
C LYS B 143 38.87 -8.28 -19.08
N GLN B 144 38.48 -9.00 -18.02
CA GLN B 144 38.12 -10.42 -18.13
C GLN B 144 36.79 -10.60 -18.89
N PRO B 145 36.67 -11.70 -19.66
CA PRO B 145 35.41 -12.01 -20.32
C PRO B 145 34.29 -12.33 -19.34
N TRP B 146 34.62 -13.04 -18.27
CA TRP B 146 33.64 -13.43 -17.27
C TRP B 146 34.09 -13.01 -15.90
N PHE B 147 33.14 -12.96 -14.96
CA PHE B 147 33.40 -12.42 -13.63
C PHE B 147 34.41 -13.18 -12.80
N LEU B 148 34.53 -14.48 -13.01
CA LEU B 148 35.55 -15.23 -12.31
C LEU B 148 36.86 -15.35 -13.10
N GLY B 149 36.86 -14.86 -14.34
CA GLY B 149 38.06 -14.83 -15.18
C GLY B 149 37.88 -15.35 -16.60
N ASP B 150 38.60 -16.42 -16.92
CA ASP B 150 38.57 -16.99 -18.27
C ASP B 150 37.36 -17.81 -18.58
N LYS B 151 36.88 -18.56 -17.58
CA LYS B 151 35.81 -19.51 -17.77
C LYS B 151 34.52 -18.94 -17.19
N ILE B 152 33.43 -19.16 -17.91
CA ILE B 152 32.13 -18.71 -17.46
C ILE B 152 31.68 -19.61 -16.31
N THR B 153 31.02 -19.03 -15.31
CA THR B 153 30.47 -19.78 -14.17
C THR B 153 29.05 -19.32 -13.89
N PHE B 154 28.49 -19.74 -12.76
CA PHE B 154 27.10 -19.41 -12.49
C PHE B 154 26.87 -17.95 -12.16
N VAL B 155 27.82 -17.29 -11.49
CA VAL B 155 27.63 -15.88 -11.15
C VAL B 155 27.42 -15.01 -12.38
N ASP B 156 28.03 -15.38 -13.50
CA ASP B 156 27.82 -14.67 -14.74
C ASP B 156 26.33 -14.60 -15.07
N PHE B 157 25.60 -15.68 -14.75
CA PHE B 157 24.18 -15.76 -15.01
C PHE B 157 23.36 -14.89 -14.09
N ILE B 158 23.84 -14.73 -12.85
CA ILE B 158 23.25 -13.75 -11.94
C ILE B 158 23.62 -12.36 -12.37
N ALA B 159 24.93 -12.14 -12.57
CA ALA B 159 25.46 -10.91 -13.13
C ALA B 159 24.63 -10.39 -14.30
N TYR B 160 24.26 -11.27 -15.21
CA TYR B 160 23.58 -10.83 -16.41
C TYR B 160 22.20 -10.31 -16.06
N ASP B 161 21.46 -11.11 -15.30
CA ASP B 161 20.11 -10.77 -14.91
C ASP B 161 20.05 -9.41 -14.23
N VAL B 162 20.85 -9.21 -13.18
CA VAL B 162 20.75 -7.95 -12.45
C VAL B 162 21.29 -6.73 -13.22
N LEU B 163 22.35 -6.92 -13.99
CA LEU B 163 22.90 -5.83 -14.76
C LEU B 163 21.98 -5.47 -15.92
N GLU B 164 21.54 -6.48 -16.68
CA GLU B 164 20.60 -6.26 -17.77
C GLU B 164 19.28 -5.63 -17.33
N ARG B 165 18.74 -6.04 -16.18
CA ARG B 165 17.44 -5.52 -15.76
C ARG B 165 17.55 -4.05 -15.35
N ASN B 166 18.74 -3.64 -14.94
CA ASN B 166 18.99 -2.24 -14.70
C ASN B 166 18.98 -1.48 -16.01
N GLN B 167 19.53 -2.10 -17.04
CA GLN B 167 19.50 -1.54 -18.36
C GLN B 167 18.07 -1.50 -18.94
N VAL B 168 17.18 -2.37 -18.48
CA VAL B 168 15.77 -2.18 -18.81
C VAL B 168 15.06 -1.11 -17.96
N PHE B 169 15.61 -0.85 -16.77
CA PHE B 169 15.02 0.14 -15.89
C PHE B 169 15.46 1.53 -16.30
N GLU B 170 16.77 1.70 -16.49
CA GLU B 170 17.35 2.94 -17.01
C GLU B 170 18.27 2.57 -18.18
N PRO B 171 17.77 2.69 -19.40
CA PRO B 171 18.46 2.20 -20.59
C PRO B 171 19.91 2.70 -20.82
N SER B 172 20.21 3.92 -20.37
CA SER B 172 21.53 4.52 -20.56
C SER B 172 22.58 4.10 -19.51
N CYS B 173 22.18 3.28 -18.54
CA CYS B 173 22.97 3.15 -17.31
C CYS B 173 24.35 2.51 -17.50
N LEU B 174 24.50 1.77 -18.59
CA LEU B 174 25.72 1.01 -18.85
C LEU B 174 26.65 1.74 -19.81
N ASP B 175 26.23 2.92 -20.29
CA ASP B 175 26.95 3.68 -21.34
C ASP B 175 28.36 4.14 -20.94
N ALA B 176 28.51 4.57 -19.69
CA ALA B 176 29.80 4.94 -19.17
C ALA B 176 30.70 3.74 -18.90
N PHE B 177 30.19 2.52 -19.11
CA PHE B 177 30.87 1.29 -18.68
C PHE B 177 30.97 0.26 -19.80
N PRO B 178 31.93 0.44 -20.70
CA PRO B 178 31.96 -0.34 -21.93
C PRO B 178 32.12 -1.84 -21.70
N ASN B 179 32.94 -2.22 -20.72
CA ASN B 179 33.14 -3.63 -20.40
C ASN B 179 31.87 -4.35 -19.94
N LEU B 180 30.96 -3.60 -19.34
CA LEU B 180 29.71 -4.15 -18.87
C LEU B 180 28.77 -4.34 -20.04
N LYS B 181 28.82 -3.40 -20.97
CA LYS B 181 28.04 -3.48 -22.22
C LYS B 181 28.49 -4.66 -23.06
N ASP B 182 29.80 -4.84 -23.15
CA ASP B 182 30.41 -5.99 -23.83
C ASP B 182 30.10 -7.30 -23.16
N PHE B 183 30.03 -7.27 -21.82
CA PHE B 183 29.60 -8.42 -21.04
C PHE B 183 28.20 -8.87 -21.48
N ILE B 184 27.26 -7.92 -21.51
CA ILE B 184 25.89 -8.16 -21.98
C ILE B 184 25.87 -8.80 -23.37
N SER B 185 26.63 -8.21 -24.31
CA SER B 185 26.70 -8.76 -25.66
C SER B 185 27.33 -10.15 -25.70
N ARG B 186 28.47 -10.32 -25.05
CA ARG B 186 29.12 -11.63 -24.93
C ARG B 186 28.08 -12.69 -24.47
N PHE B 187 27.34 -12.32 -23.42
CA PHE B 187 26.42 -13.25 -22.82
C PHE B 187 25.30 -13.54 -23.81
N GLU B 188 24.73 -12.47 -24.38
CA GLU B 188 23.58 -12.66 -25.25
C GLU B 188 23.98 -13.34 -26.54
N GLY B 189 25.27 -13.29 -26.84
CA GLY B 189 25.79 -13.85 -28.08
C GLY B 189 26.21 -15.31 -27.96
N LEU B 190 26.05 -15.90 -26.78
CA LEU B 190 26.42 -17.29 -26.58
C LEU B 190 25.43 -18.13 -27.34
N GLU B 191 25.94 -19.12 -28.07
CA GLU B 191 25.17 -19.89 -29.05
C GLU B 191 23.77 -20.31 -28.51
N LYS B 192 23.75 -20.97 -27.36
CA LYS B 192 22.49 -21.45 -26.79
C LYS B 192 21.64 -20.33 -26.21
N ILE B 193 22.30 -19.34 -25.60
CA ILE B 193 21.59 -18.19 -25.01
C ILE B 193 20.89 -17.40 -26.11
N SER B 194 21.60 -17.20 -27.20
CA SER B 194 21.06 -16.53 -28.37
C SER B 194 19.83 -17.25 -28.95
N ALA B 195 19.99 -18.56 -29.20
CA ALA B 195 18.89 -19.42 -29.66
C ALA B 195 17.68 -19.39 -28.73
N TYR B 196 17.91 -19.48 -27.43
CA TYR B 196 16.86 -19.36 -26.41
C TYR B 196 16.15 -18.05 -26.51
N MET B 197 16.91 -16.97 -26.65
CA MET B 197 16.34 -15.63 -26.56
C MET B 197 15.44 -15.34 -27.75
N LYS B 198 15.66 -16.08 -28.82
CA LYS B 198 14.89 -15.96 -30.04
C LYS B 198 13.75 -16.96 -30.05
N SER B 199 13.63 -17.76 -28.99
CA SER B 199 12.58 -18.80 -28.96
C SER B 199 11.31 -18.31 -28.27
N SER B 200 10.29 -19.16 -28.26
CA SER B 200 8.98 -18.82 -27.67
C SER B 200 8.98 -18.91 -26.14
N ARG B 201 9.98 -19.59 -25.58
CA ARG B 201 10.07 -19.81 -24.14
C ARG B 201 10.48 -18.54 -23.45
N PHE B 202 11.34 -17.77 -24.12
CA PHE B 202 12.06 -16.64 -23.51
C PHE B 202 11.13 -15.62 -22.84
N LEU B 203 11.37 -15.32 -21.55
CA LEU B 203 10.43 -14.54 -20.76
C LEU B 203 11.08 -13.37 -20.00
N PRO B 204 11.41 -12.29 -20.73
CA PRO B 204 12.17 -11.17 -20.17
C PRO B 204 11.28 -10.15 -19.44
N ARG B 205 9.97 -10.34 -19.55
CA ARG B 205 9.01 -9.58 -18.74
C ARG B 205 7.75 -10.39 -18.50
N PRO B 206 6.97 -9.98 -17.48
CA PRO B 206 7.31 -8.80 -16.69
C PRO B 206 8.53 -9.03 -15.82
N VAL B 207 9.11 -7.95 -15.31
CA VAL B 207 10.26 -8.04 -14.41
C VAL B 207 9.85 -8.55 -13.04
N PHE B 208 8.77 -7.98 -12.50
CA PHE B 208 8.34 -8.29 -11.15
C PHE B 208 6.94 -8.89 -11.17
N THR B 209 6.39 -9.19 -9.99
CA THR B 209 4.99 -9.64 -9.86
C THR B 209 3.99 -8.50 -10.03
N LYS B 210 2.72 -8.86 -10.22
CA LYS B 210 1.64 -7.90 -10.40
C LYS B 210 1.53 -6.87 -9.28
N MET B 211 2.07 -7.17 -8.10
CA MET B 211 2.06 -6.20 -7.00
C MET B 211 3.05 -5.04 -7.15
N ALA B 212 3.94 -5.11 -8.15
CA ALA B 212 4.99 -4.10 -8.33
C ALA B 212 4.42 -2.80 -8.86
N VAL B 213 5.00 -1.66 -8.46
CA VAL B 213 4.67 -0.36 -9.06
C VAL B 213 5.30 -0.22 -10.43
N TRP B 214 6.58 -0.59 -10.53
CA TRP B 214 7.28 -0.65 -11.82
C TRP B 214 7.53 -2.08 -12.26
N GLY B 215 7.19 -2.39 -13.52
CA GLY B 215 7.56 -3.67 -14.13
C GLY B 215 6.64 -4.79 -13.69
N ASN B 216 5.38 -4.44 -13.48
CA ASN B 216 4.32 -5.40 -13.13
C ASN B 216 3.79 -6.09 -14.36
N LYS B 217 3.85 -5.39 -15.49
CA LYS B 217 3.57 -5.98 -16.79
C LYS B 217 4.80 -5.90 -17.67
N PRO C 1 -40.38 18.93 21.12
CA PRO C 1 -39.72 17.87 20.34
C PRO C 1 -39.16 18.42 19.04
N MET C 2 -38.00 17.91 18.64
CA MET C 2 -37.54 17.99 17.26
C MET C 2 -38.52 17.43 16.24
N THR C 3 -38.49 17.99 15.04
CA THR C 3 -39.24 17.47 13.93
C THR C 3 -38.34 16.94 12.82
N LEU C 4 -38.55 15.68 12.44
CA LEU C 4 -37.85 15.06 11.32
C LEU C 4 -38.82 14.94 10.17
N GLY C 5 -38.55 15.69 9.11
CA GLY C 5 -39.34 15.63 7.88
C GLY C 5 -38.64 14.79 6.82
N TYR C 6 -39.37 13.84 6.24
CA TYR C 6 -38.92 13.07 5.09
C TYR C 6 -40.09 12.35 4.46
N TRP C 7 -39.87 11.78 3.28
CA TRP C 7 -40.81 10.86 2.65
C TRP C 7 -41.13 9.68 3.58
N ASN C 8 -42.25 9.03 3.29
CA ASN C 8 -42.66 7.87 4.07
C ASN C 8 -41.92 6.61 3.67
N ILE C 9 -40.61 6.70 3.54
CA ILE C 9 -39.79 5.53 3.17
C ILE C 9 -38.58 5.44 4.09
N ARG C 10 -37.81 4.37 3.92
CA ARG C 10 -36.46 4.24 4.49
C ARG C 10 -35.51 5.38 4.05
N GLY C 11 -35.05 5.28 2.80
CA GLY C 11 -34.21 6.28 2.15
C GLY C 11 -33.08 6.80 3.03
N LEU C 12 -32.99 8.11 3.10
CA LEU C 12 -31.86 8.80 3.73
C LEU C 12 -32.17 9.12 5.18
N ALA C 13 -33.35 8.76 5.65
CA ALA C 13 -33.74 9.11 7.01
C ALA C 13 -33.38 7.98 7.97
N HIS C 14 -33.06 6.80 7.40
CA HIS C 14 -32.89 5.58 8.19
C HIS C 14 -31.88 5.76 9.29
N SER C 15 -30.72 6.29 8.94
CA SER C 15 -29.65 6.48 9.88
C SER C 15 -30.04 7.52 10.92
N ILE C 16 -30.72 8.56 10.46
CA ILE C 16 -31.17 9.64 11.33
C ILE C 16 -32.19 9.13 12.34
N ARG C 17 -33.13 8.32 11.88
CA ARG C 17 -34.15 7.76 12.76
C ARG C 17 -33.48 6.93 13.82
N LEU C 18 -32.52 6.13 13.39
CA LEU C 18 -31.84 5.22 14.30
C LEU C 18 -31.01 5.98 15.33
N LEU C 19 -30.37 7.06 14.88
CA LEU C 19 -29.52 7.87 15.74
C LEU C 19 -30.38 8.62 16.75
N LEU C 20 -31.54 9.10 16.30
CA LEU C 20 -32.48 9.77 17.19
C LEU C 20 -32.98 8.83 18.28
N GLU C 21 -33.20 7.57 17.91
CA GLU C 21 -33.66 6.56 18.84
C GLU C 21 -32.56 6.17 19.82
N TYR C 22 -31.39 5.87 19.29
CA TYR C 22 -30.24 5.54 20.12
C TYR C 22 -29.95 6.63 21.16
N THR C 23 -29.95 7.89 20.72
CA THR C 23 -29.55 9.00 21.57
C THR C 23 -30.67 9.40 22.49
N ASP C 24 -31.78 8.66 22.44
CA ASP C 24 -32.94 8.92 23.28
C ASP C 24 -33.49 10.31 23.01
N SER C 25 -33.47 10.73 21.74
CA SER C 25 -33.84 12.09 21.40
C SER C 25 -35.36 12.22 21.39
N SER C 26 -35.85 13.34 21.95
CA SER C 26 -37.27 13.69 21.88
C SER C 26 -37.60 14.20 20.46
N TYR C 27 -38.35 13.41 19.69
CA TYR C 27 -38.64 13.79 18.29
C TYR C 27 -39.95 13.22 17.78
N GLU C 28 -40.54 13.89 16.81
CA GLU C 28 -41.63 13.32 16.01
C GLU C 28 -41.46 13.57 14.52
N GLU C 29 -42.13 12.73 13.72
CA GLU C 29 -41.90 12.70 12.28
C GLU C 29 -42.99 13.44 11.52
N LYS C 30 -42.57 14.36 10.65
CA LYS C 30 -43.45 14.86 9.59
C LYS C 30 -43.27 14.04 8.29
N LYS C 31 -44.22 13.15 8.03
CA LYS C 31 -44.09 12.18 6.93
C LYS C 31 -44.86 12.62 5.71
N TYR C 32 -44.13 12.85 4.63
CA TYR C 32 -44.72 13.25 3.38
C TYR C 32 -44.99 11.98 2.58
N THR C 33 -46.11 11.94 1.87
CA THR C 33 -46.39 10.82 0.96
C THR C 33 -46.40 11.21 -0.52
N MET C 34 -45.52 10.58 -1.30
CA MET C 34 -45.57 10.68 -2.75
C MET C 34 -46.79 9.97 -3.34
N GLY C 35 -47.39 10.61 -4.34
CA GLY C 35 -48.43 9.99 -5.18
C GLY C 35 -47.91 8.80 -5.95
N ASP C 36 -48.83 8.02 -6.50
CA ASP C 36 -48.46 6.91 -7.39
C ASP C 36 -48.16 7.39 -8.79
N ALA C 37 -47.58 6.51 -9.61
CA ALA C 37 -47.60 6.68 -11.06
C ALA C 37 -49.03 6.84 -11.58
N PRO C 38 -49.19 7.66 -12.61
CA PRO C 38 -48.04 8.21 -13.34
C PRO C 38 -47.61 9.56 -12.79
N ASP C 39 -48.40 10.12 -11.89
CA ASP C 39 -48.12 11.43 -11.31
C ASP C 39 -46.76 11.44 -10.60
N TYR C 40 -46.58 10.48 -9.69
CA TYR C 40 -45.61 10.63 -8.61
C TYR C 40 -45.76 11.99 -7.95
N ASP C 41 -47.01 12.29 -7.61
CA ASP C 41 -47.40 13.63 -7.25
C ASP C 41 -46.74 13.99 -5.94
N ARG C 42 -46.09 15.15 -5.90
CA ARG C 42 -45.17 15.51 -4.83
C ARG C 42 -45.71 16.65 -3.98
N SER C 43 -46.96 17.02 -4.23
CA SER C 43 -47.48 18.32 -3.81
C SER C 43 -47.61 18.48 -2.28
N GLN C 44 -47.76 17.37 -1.55
CA GLN C 44 -47.70 17.39 -0.08
C GLN C 44 -46.44 18.14 0.38
N TRP C 45 -45.31 17.76 -0.20
CA TRP C 45 -44.04 18.39 0.12
C TRP C 45 -43.91 19.72 -0.55
N LEU C 46 -44.24 19.78 -1.83
CA LEU C 46 -44.10 21.01 -2.60
C LEU C 46 -44.84 22.20 -2.00
N ASN C 47 -46.08 21.98 -1.53
CA ASN C 47 -46.84 23.04 -0.88
C ASN C 47 -46.10 23.69 0.27
N GLU C 48 -45.67 22.92 1.25
CA GLU C 48 -45.01 23.55 2.38
C GLU C 48 -43.48 23.56 2.36
N LYS C 49 -42.90 23.13 1.25
CA LYS C 49 -41.45 23.16 1.03
C LYS C 49 -40.80 24.50 1.41
N PHE C 50 -41.41 25.60 0.98
CA PHE C 50 -40.81 26.94 1.10
C PHE C 50 -41.28 27.65 2.37
N LYS C 51 -41.99 26.90 3.22
CA LYS C 51 -42.74 27.47 4.36
C LYS C 51 -42.16 27.07 5.70
N LEU C 52 -41.13 26.24 5.67
CA LEU C 52 -40.53 25.76 6.90
C LEU C 52 -39.32 26.56 7.31
N GLY C 53 -38.98 27.58 6.52
CA GLY C 53 -37.90 28.50 6.88
C GLY C 53 -36.53 27.81 6.84
N LEU C 54 -36.41 26.83 5.94
CA LEU C 54 -35.11 26.23 5.68
C LEU C 54 -34.38 27.05 4.62
N ASP C 55 -33.07 27.17 4.79
CA ASP C 55 -32.22 27.95 3.87
C ASP C 55 -32.13 27.26 2.51
N PHE C 56 -32.05 25.92 2.53
CA PHE C 56 -32.02 25.14 1.30
C PHE C 56 -33.04 24.00 1.35
N PRO C 57 -34.34 24.33 1.23
CA PRO C 57 -35.43 23.37 1.46
C PRO C 57 -35.14 22.04 0.78
N ASN C 58 -35.36 20.94 1.51
CA ASN C 58 -34.91 19.60 1.10
C ASN C 58 -35.45 18.51 2.03
N LEU C 59 -35.55 17.29 1.52
CA LEU C 59 -35.84 16.13 2.38
C LEU C 59 -34.67 15.16 2.47
N PRO C 60 -34.18 14.85 3.68
CA PRO C 60 -34.78 15.09 4.98
C PRO C 60 -34.47 16.46 5.57
N TYR C 61 -35.32 16.88 6.52
CA TYR C 61 -35.02 18.06 7.31
C TYR C 61 -35.19 17.79 8.79
N LEU C 62 -34.41 18.49 9.59
CA LEU C 62 -34.61 18.50 11.03
C LEU C 62 -34.89 19.91 11.54
N ILE C 63 -36.00 20.04 12.26
CA ILE C 63 -36.23 21.25 13.01
C ILE C 63 -36.04 21.00 14.49
N ASP C 64 -35.11 21.74 15.09
CA ASP C 64 -34.87 21.73 16.53
C ASP C 64 -34.93 23.16 17.04
N GLY C 65 -36.16 23.71 17.12
CA GLY C 65 -36.34 25.06 17.64
C GLY C 65 -35.69 26.09 16.74
N THR C 66 -34.58 26.65 17.19
CA THR C 66 -33.90 27.72 16.44
C THR C 66 -33.23 27.13 15.21
N HIS C 67 -32.80 25.87 15.32
CA HIS C 67 -32.03 25.19 14.30
C HIS C 67 -32.92 24.51 13.28
N LYS C 68 -32.74 24.90 12.03
CA LYS C 68 -33.41 24.25 10.92
C LYS C 68 -32.34 23.72 9.99
N ILE C 69 -32.34 22.40 9.80
CA ILE C 69 -31.24 21.73 9.13
C ILE C 69 -31.80 20.88 7.97
N THR C 70 -31.21 21.06 6.78
CA THR C 70 -31.35 20.06 5.68
C THR C 70 -30.00 19.38 5.41
N GLN C 71 -29.96 18.47 4.44
CA GLN C 71 -28.79 17.60 4.16
C GLN C 71 -28.52 16.53 5.21
N SER C 72 -28.62 15.26 4.81
CA SER C 72 -28.74 14.16 5.78
C SER C 72 -27.51 14.03 6.65
N ASN C 73 -26.33 14.23 6.06
CA ASN C 73 -25.08 14.20 6.83
C ASN C 73 -24.97 15.30 7.84
N ALA C 74 -25.44 16.50 7.47
CA ALA C 74 -25.49 17.65 8.37
C ALA C 74 -26.38 17.35 9.57
N ILE C 75 -27.52 16.70 9.32
CA ILE C 75 -28.44 16.34 10.40
C ILE C 75 -27.77 15.34 11.33
N LEU C 76 -27.17 14.32 10.74
CA LEU C 76 -26.46 13.30 11.50
C LEU C 76 -25.36 13.89 12.39
N ARG C 77 -24.61 14.84 11.84
CA ARG C 77 -23.51 15.48 12.56
C ARG C 77 -24.03 16.36 13.67
N TYR C 78 -25.13 17.05 13.38
CA TYR C 78 -25.78 17.89 14.36
C TYR C 78 -26.12 17.10 15.63
N ILE C 79 -26.84 15.99 15.45
CA ILE C 79 -27.26 15.14 16.57
C ILE C 79 -26.06 14.47 17.24
N ALA C 80 -25.07 14.08 16.42
CA ALA C 80 -23.87 13.40 16.92
C ALA C 80 -23.06 14.30 17.84
N ARG C 81 -23.00 15.60 17.53
CA ARG C 81 -22.27 16.55 18.36
C ARG C 81 -22.98 16.74 19.69
N LYS C 82 -24.31 16.66 19.67
CA LYS C 82 -25.12 16.92 20.85
C LYS C 82 -25.01 15.80 21.88
N HIS C 83 -24.47 14.65 21.47
CA HIS C 83 -24.45 13.47 22.30
C HIS C 83 -23.07 12.80 22.31
N ASN C 84 -22.04 13.58 22.00
CA ASN C 84 -20.69 13.06 21.99
C ASN C 84 -20.55 11.71 21.24
N LEU C 85 -21.01 11.71 19.99
CA LEU C 85 -20.85 10.55 19.13
C LEU C 85 -20.09 10.99 17.89
N CYS C 86 -18.95 11.64 18.11
CA CYS C 86 -18.11 12.17 17.05
C CYS C 86 -16.69 11.60 17.22
N GLY C 87 -15.92 11.58 16.15
CA GLY C 87 -14.49 11.33 16.24
C GLY C 87 -13.87 12.48 17.00
N GLU C 88 -12.97 12.18 17.93
CA GLU C 88 -12.33 13.25 18.71
C GLU C 88 -10.94 13.61 18.19
N SER C 89 -10.06 12.61 18.11
CA SER C 89 -8.71 12.78 17.61
C SER C 89 -8.66 13.13 16.11
N GLU C 90 -7.51 13.61 15.64
CA GLU C 90 -7.27 13.76 14.22
C GLU C 90 -7.51 12.46 13.41
N LYS C 91 -6.86 11.37 13.83
CA LYS C 91 -6.94 10.12 13.12
C LYS C 91 -8.39 9.68 12.98
N GLU C 92 -9.16 9.87 14.05
CA GLU C 92 -10.58 9.57 14.04
C GLU C 92 -11.35 10.49 13.13
N GLN C 93 -10.98 11.76 13.11
CA GLN C 93 -11.71 12.71 12.26
C GLN C 93 -11.45 12.45 10.79
N ILE C 94 -10.19 12.16 10.47
CA ILE C 94 -9.82 11.71 9.12
C ILE C 94 -10.65 10.45 8.74
N ARG C 95 -10.76 9.50 9.66
CA ARG C 95 -11.46 8.26 9.38
C ARG C 95 -12.95 8.51 9.17
N GLU C 96 -13.47 9.43 9.97
CA GLU C 96 -14.87 9.84 9.96
C GLU C 96 -15.27 10.50 8.65
N ASP C 97 -14.44 11.45 8.21
CA ASP C 97 -14.68 12.21 6.99
C ASP C 97 -14.58 11.31 5.77
N ILE C 98 -13.55 10.45 5.75
CA ILE C 98 -13.41 9.44 4.68
C ILE C 98 -14.68 8.60 4.61
N LEU C 99 -15.09 8.04 5.75
CA LEU C 99 -16.16 7.06 5.75
C LEU C 99 -17.52 7.66 5.36
N GLU C 100 -17.84 8.84 5.90
CA GLU C 100 -19.08 9.52 5.60
C GLU C 100 -19.23 9.69 4.10
N ASN C 101 -18.16 10.15 3.45
CA ASN C 101 -18.18 10.38 2.02
C ASN C 101 -18.17 9.07 1.23
N GLN C 102 -17.47 8.06 1.75
CA GLN C 102 -17.31 6.80 1.05
C GLN C 102 -18.61 6.01 1.07
N PHE C 103 -19.19 5.90 2.25
CA PHE C 103 -20.56 5.39 2.38
C PHE C 103 -21.58 6.10 1.48
N MET C 104 -21.47 7.42 1.35
CA MET C 104 -22.39 8.15 0.50
C MET C 104 -22.25 7.73 -0.96
N ASP C 105 -21.01 7.61 -1.43
CA ASP C 105 -20.74 7.08 -2.77
C ASP C 105 -21.30 5.67 -2.96
N SER C 106 -21.20 4.85 -1.94
CA SER C 106 -21.73 3.48 -2.04
C SER C 106 -23.25 3.48 -2.00
N ARG C 107 -23.83 4.31 -1.13
CA ARG C 107 -25.26 4.47 -1.09
C ARG C 107 -25.78 4.81 -2.48
N MET C 108 -25.15 5.80 -3.09
CA MET C 108 -25.59 6.38 -4.35
C MET C 108 -25.41 5.44 -5.53
N GLN C 109 -24.43 4.55 -5.46
CA GLN C 109 -24.30 3.47 -6.45
C GLN C 109 -25.53 2.57 -6.48
N LEU C 110 -25.98 2.16 -5.30
CA LEU C 110 -27.15 1.29 -5.25
C LEU C 110 -28.39 2.04 -5.73
N ALA C 111 -28.47 3.32 -5.37
CA ALA C 111 -29.62 4.13 -5.76
C ALA C 111 -29.65 4.40 -7.26
N LYS C 112 -28.49 4.73 -7.86
CA LYS C 112 -28.35 4.95 -9.30
C LYS C 112 -28.87 3.74 -10.05
N LEU C 113 -28.49 2.55 -9.55
CA LEU C 113 -28.89 1.29 -10.13
C LEU C 113 -30.40 1.11 -10.06
N CYS C 114 -30.93 1.22 -8.84
CA CYS C 114 -32.32 0.83 -8.59
C CYS C 114 -33.35 1.84 -9.13
N TYR C 115 -32.86 3.00 -9.57
CA TYR C 115 -33.69 3.98 -10.25
C TYR C 115 -33.51 3.94 -11.76
N ASP C 116 -32.50 3.22 -12.23
CA ASP C 116 -32.26 3.06 -13.67
C ASP C 116 -33.28 2.15 -14.35
N PRO C 117 -33.90 2.65 -15.42
CA PRO C 117 -34.76 1.84 -16.28
C PRO C 117 -34.12 0.52 -16.71
N ASP C 118 -32.81 0.52 -16.99
CA ASP C 118 -32.09 -0.69 -17.36
C ASP C 118 -31.60 -1.51 -16.16
N PHE C 119 -32.41 -1.54 -15.10
CA PHE C 119 -32.07 -2.17 -13.83
C PHE C 119 -31.66 -3.62 -14.02
N GLU C 120 -32.46 -4.36 -14.79
CA GLU C 120 -32.19 -5.79 -15.04
C GLU C 120 -30.84 -6.02 -15.73
N LYS C 121 -30.52 -5.18 -16.69
CA LYS C 121 -29.29 -5.37 -17.44
C LYS C 121 -28.11 -4.95 -16.61
N LEU C 122 -28.34 -3.96 -15.74
CA LEU C 122 -27.26 -3.32 -14.98
C LEU C 122 -26.95 -4.03 -13.66
N LYS C 123 -27.95 -4.73 -13.12
CA LYS C 123 -27.79 -5.49 -11.88
C LYS C 123 -26.51 -6.37 -11.77
N PRO C 124 -26.21 -7.22 -12.78
CA PRO C 124 -25.08 -8.14 -12.63
C PRO C 124 -23.73 -7.47 -12.38
N GLU C 125 -23.50 -6.36 -13.08
CA GLU C 125 -22.25 -5.62 -13.03
C GLU C 125 -22.04 -5.04 -11.64
N TYR C 126 -23.13 -4.62 -11.03
CA TYR C 126 -23.10 -4.10 -9.67
C TYR C 126 -22.77 -5.20 -8.68
N LEU C 127 -23.41 -6.36 -8.86
CA LEU C 127 -23.11 -7.53 -8.05
C LEU C 127 -21.68 -8.05 -8.26
N GLN C 128 -21.12 -7.89 -9.45
CA GLN C 128 -19.70 -8.15 -9.71
C GLN C 128 -18.81 -7.30 -8.81
N ALA C 129 -19.12 -6.01 -8.73
CA ALA C 129 -18.31 -5.04 -7.99
C ALA C 129 -18.58 -5.11 -6.49
N LEU C 130 -19.74 -5.66 -6.16
CA LEU C 130 -20.19 -5.72 -4.76
C LEU C 130 -19.16 -6.27 -3.77
N PRO C 131 -18.61 -7.49 -4.02
CA PRO C 131 -17.66 -8.04 -3.03
C PRO C 131 -16.49 -7.12 -2.73
N GLU C 132 -15.95 -6.45 -3.75
CA GLU C 132 -14.76 -5.60 -3.58
C GLU C 132 -15.07 -4.38 -2.73
N MET C 133 -16.26 -3.85 -2.94
CA MET C 133 -16.76 -2.78 -2.09
C MET C 133 -16.82 -3.22 -0.64
N LEU C 134 -17.46 -4.35 -0.40
CA LEU C 134 -17.58 -4.88 0.96
C LEU C 134 -16.23 -5.20 1.57
N LYS C 135 -15.32 -5.74 0.76
CA LYS C 135 -13.98 -6.13 1.23
C LYS C 135 -13.21 -4.96 1.85
N LEU C 136 -13.27 -3.80 1.20
CA LEU C 136 -12.61 -2.59 1.68
C LEU C 136 -13.20 -2.10 2.99
N TYR C 137 -14.50 -2.24 3.13
CA TYR C 137 -15.16 -1.87 4.37
C TYR C 137 -14.73 -2.80 5.50
N SER C 138 -14.58 -4.07 5.15
CA SER C 138 -14.24 -5.09 6.10
C SER C 138 -12.81 -4.91 6.59
N GLN C 139 -11.89 -4.70 5.65
CA GLN C 139 -10.48 -4.48 5.99
C GLN C 139 -10.34 -3.27 6.91
N PHE C 140 -11.07 -2.22 6.57
CA PHE C 140 -11.03 -1.02 7.32
C PHE C 140 -11.52 -1.21 8.75
N LEU C 141 -12.61 -1.95 8.93
CA LEU C 141 -13.15 -2.17 10.27
C LEU C 141 -12.24 -3.10 11.07
N GLY C 142 -11.75 -4.13 10.42
CA GLY C 142 -10.80 -5.02 11.06
C GLY C 142 -11.46 -5.69 12.23
N LYS C 143 -10.83 -5.53 13.40
CA LYS C 143 -11.24 -6.26 14.59
C LYS C 143 -12.03 -5.37 15.53
N GLN C 144 -12.19 -4.11 15.14
CA GLN C 144 -12.80 -3.11 16.01
C GLN C 144 -14.31 -3.33 16.07
N PRO C 145 -14.95 -3.00 17.21
CA PRO C 145 -16.41 -3.09 17.31
C PRO C 145 -17.11 -2.03 16.47
N TRP C 146 -16.52 -0.84 16.39
CA TRP C 146 -17.08 0.26 15.62
C TRP C 146 -16.04 0.84 14.63
N PHE C 147 -16.54 1.55 13.62
CA PHE C 147 -15.73 2.02 12.53
C PHE C 147 -14.66 3.03 12.92
N LEU C 148 -14.90 3.78 13.99
CA LEU C 148 -13.86 4.68 14.50
C LEU C 148 -13.02 4.06 15.62
N GLY C 149 -13.38 2.86 16.04
CA GLY C 149 -12.60 2.14 17.04
C GLY C 149 -13.43 1.57 18.17
N ASP C 150 -13.18 2.08 19.38
CA ASP C 150 -13.79 1.54 20.58
C ASP C 150 -15.15 2.14 20.82
N LYS C 151 -15.29 3.42 20.48
CA LYS C 151 -16.53 4.09 20.77
C LYS C 151 -17.38 4.24 19.51
N ILE C 152 -18.68 4.02 19.67
CA ILE C 152 -19.62 4.17 18.57
C ILE C 152 -19.78 5.66 18.23
N THR C 153 -19.84 5.96 16.94
CA THR C 153 -20.07 7.32 16.50
C THR C 153 -21.18 7.35 15.46
N PHE C 154 -21.44 8.52 14.88
CA PHE C 154 -22.46 8.65 13.87
C PHE C 154 -22.23 7.82 12.58
N VAL C 155 -20.96 7.66 12.16
CA VAL C 155 -20.69 6.93 10.91
C VAL C 155 -21.19 5.52 10.99
N ASP C 156 -21.23 4.99 12.21
CA ASP C 156 -21.65 3.63 12.42
C ASP C 156 -23.10 3.47 11.99
N PHE C 157 -23.85 4.55 12.15
CA PHE C 157 -25.24 4.57 11.79
C PHE C 157 -25.43 4.65 10.29
N ILE C 158 -24.57 5.43 9.62
CA ILE C 158 -24.52 5.41 8.15
C ILE C 158 -24.05 4.03 7.69
N ALA C 159 -22.93 3.58 8.26
CA ALA C 159 -22.42 2.25 7.99
C ALA C 159 -23.53 1.23 7.96
N TYR C 160 -24.34 1.23 9.00
CA TYR C 160 -25.33 0.17 9.20
C TYR C 160 -26.37 0.21 8.07
N ASP C 161 -26.93 1.40 7.83
CA ASP C 161 -27.92 1.59 6.78
C ASP C 161 -27.43 1.11 5.40
N VAL C 162 -26.28 1.62 4.93
CA VAL C 162 -25.79 1.21 3.62
C VAL C 162 -25.37 -0.27 3.53
N LEU C 163 -24.84 -0.82 4.62
CA LEU C 163 -24.37 -2.19 4.58
C LEU C 163 -25.55 -3.13 4.67
N GLU C 164 -26.48 -2.81 5.56
CA GLU C 164 -27.66 -3.63 5.75
C GLU C 164 -28.52 -3.61 4.51
N ARG C 165 -28.64 -2.48 3.85
CA ARG C 165 -29.56 -2.40 2.73
C ARG C 165 -29.01 -3.23 1.57
N ASN C 166 -27.68 -3.41 1.53
CA ASN C 166 -27.08 -4.22 0.50
C ASN C 166 -27.43 -5.67 0.80
N GLN C 167 -27.48 -5.98 2.10
CA GLN C 167 -27.89 -7.32 2.53
C GLN C 167 -29.39 -7.59 2.27
N VAL C 168 -30.20 -6.54 2.19
CA VAL C 168 -31.57 -6.74 1.71
C VAL C 168 -31.63 -6.81 0.18
N PHE C 169 -30.65 -6.22 -0.48
CA PHE C 169 -30.62 -6.30 -1.92
C PHE C 169 -30.11 -7.66 -2.37
N GLU C 170 -28.96 -8.07 -1.84
CA GLU C 170 -28.36 -9.37 -2.13
C GLU C 170 -28.06 -10.02 -0.79
N PRO C 171 -28.95 -10.90 -0.33
CA PRO C 171 -28.89 -11.45 1.03
C PRO C 171 -27.58 -12.16 1.43
N SER C 172 -26.89 -12.75 0.47
CA SER C 172 -25.64 -13.44 0.75
C SER C 172 -24.38 -12.53 0.86
N CYS C 173 -24.53 -11.23 0.64
CA CYS C 173 -23.37 -10.41 0.24
C CYS C 173 -22.32 -10.22 1.33
N LEU C 174 -22.74 -10.40 2.58
CA LEU C 174 -21.89 -10.22 3.76
C LEU C 174 -21.29 -11.55 4.25
N ASP C 175 -21.66 -12.66 3.62
CA ASP C 175 -21.25 -14.03 4.06
C ASP C 175 -19.75 -14.23 4.09
N ALA C 176 -19.05 -13.73 3.07
CA ALA C 176 -17.59 -13.79 3.03
C ALA C 176 -16.91 -12.85 4.05
N PHE C 177 -17.72 -12.06 4.77
CA PHE C 177 -17.17 -10.98 5.59
C PHE C 177 -17.72 -11.02 6.99
N PRO C 178 -17.18 -11.93 7.81
CA PRO C 178 -17.80 -12.20 9.12
C PRO C 178 -17.86 -10.94 10.00
N ASN C 179 -16.82 -10.10 10.00
CA ASN C 179 -16.78 -8.90 10.85
C ASN C 179 -17.85 -7.87 10.52
N LEU C 180 -18.25 -7.85 9.25
CA LEU C 180 -19.36 -7.03 8.81
C LEU C 180 -20.68 -7.59 9.27
N LYS C 181 -20.82 -8.92 9.22
CA LYS C 181 -22.02 -9.60 9.75
C LYS C 181 -22.19 -9.37 11.26
N ASP C 182 -21.09 -9.49 11.99
CA ASP C 182 -21.05 -9.18 13.41
C ASP C 182 -21.35 -7.72 13.69
N PHE C 183 -20.90 -6.84 12.79
CA PHE C 183 -21.21 -5.41 12.93
C PHE C 183 -22.73 -5.20 12.95
N ILE C 184 -23.39 -5.73 11.94
CA ILE C 184 -24.85 -5.74 11.86
C ILE C 184 -25.48 -6.24 13.16
N SER C 185 -25.03 -7.39 13.66
CA SER C 185 -25.61 -7.93 14.88
C SER C 185 -25.34 -7.07 16.08
N ARG C 186 -24.08 -6.72 16.30
CA ARG C 186 -23.73 -5.71 17.30
C ARG C 186 -24.75 -4.56 17.30
N PHE C 187 -24.99 -3.98 16.11
CA PHE C 187 -25.72 -2.73 16.00
C PHE C 187 -27.17 -3.00 16.34
N GLU C 188 -27.73 -4.03 15.71
CA GLU C 188 -29.13 -4.37 15.91
C GLU C 188 -29.37 -4.82 17.36
N GLY C 189 -28.29 -5.28 17.99
CA GLY C 189 -28.32 -5.81 19.34
C GLY C 189 -28.21 -4.74 20.41
N LEU C 190 -27.98 -3.49 20.02
CA LEU C 190 -27.96 -2.39 20.97
C LEU C 190 -29.34 -2.21 21.60
N GLU C 191 -29.35 -2.09 22.92
CA GLU C 191 -30.60 -2.03 23.72
C GLU C 191 -31.71 -1.15 23.10
N LYS C 192 -31.41 0.10 22.80
CA LYS C 192 -32.43 1.00 22.22
C LYS C 192 -32.76 0.71 20.74
N ILE C 193 -31.74 0.33 19.97
CA ILE C 193 -31.92 -0.01 18.57
C ILE C 193 -32.81 -1.24 18.43
N SER C 194 -32.54 -2.26 19.26
CA SER C 194 -33.36 -3.45 19.36
C SER C 194 -34.82 -3.12 19.70
N ALA C 195 -35.02 -2.37 20.77
CA ALA C 195 -36.36 -1.97 21.19
C ALA C 195 -37.10 -1.24 20.07
N TYR C 196 -36.40 -0.31 19.42
CA TYR C 196 -36.93 0.45 18.28
C TYR C 196 -37.36 -0.46 17.17
N MET C 197 -36.51 -1.42 16.83
CA MET C 197 -36.71 -2.26 15.65
C MET C 197 -37.89 -3.19 15.84
N LYS C 198 -38.24 -3.44 17.09
CA LYS C 198 -39.41 -4.22 17.41
C LYS C 198 -40.68 -3.37 17.54
N SER C 199 -40.56 -2.06 17.38
CA SER C 199 -41.68 -1.16 17.69
C SER C 199 -42.44 -0.86 16.42
N SER C 200 -43.61 -0.23 16.56
CA SER C 200 -44.47 0.15 15.43
C SER C 200 -43.90 1.27 14.53
N ARG C 201 -42.97 2.08 15.06
CA ARG C 201 -42.36 3.17 14.29
C ARG C 201 -41.47 2.65 13.18
N PHE C 202 -40.75 1.57 13.48
CA PHE C 202 -39.63 1.09 12.65
C PHE C 202 -40.00 0.95 11.17
N LEU C 203 -39.24 1.60 10.31
CA LEU C 203 -39.61 1.68 8.89
C LEU C 203 -38.49 1.25 7.92
N PRO C 204 -38.25 -0.07 7.79
CA PRO C 204 -37.14 -0.63 7.01
C PRO C 204 -37.44 -0.75 5.52
N ARG C 205 -38.71 -0.55 5.16
CA ARG C 205 -39.19 -0.62 3.78
C ARG C 205 -40.33 0.37 3.59
N PRO C 206 -40.54 0.85 2.34
CA PRO C 206 -39.75 0.65 1.11
C PRO C 206 -38.37 1.29 1.25
N VAL C 207 -37.37 0.71 0.61
CA VAL C 207 -36.02 1.29 0.60
C VAL C 207 -36.00 2.64 -0.12
N PHE C 208 -36.57 2.66 -1.32
CA PHE C 208 -36.58 3.85 -2.16
C PHE C 208 -37.97 4.47 -2.35
N THR C 209 -38.06 5.58 -3.10
CA THR C 209 -39.36 6.19 -3.42
C THR C 209 -40.09 5.39 -4.47
N LYS C 210 -41.39 5.68 -4.65
CA LYS C 210 -42.24 5.00 -5.66
C LYS C 210 -41.71 5.05 -7.10
N MET C 211 -40.77 5.95 -7.37
CA MET C 211 -40.17 6.06 -8.71
C MET C 211 -39.11 5.00 -9.01
N ALA C 212 -38.69 4.27 -7.95
CA ALA C 212 -37.65 3.26 -8.07
C ALA C 212 -38.13 2.06 -8.88
N VAL C 213 -37.20 1.43 -9.60
CA VAL C 213 -37.47 0.11 -10.20
C VAL C 213 -37.40 -1.02 -9.17
N TRP C 214 -36.38 -0.99 -8.32
CA TRP C 214 -36.29 -1.93 -7.20
C TRP C 214 -36.49 -1.21 -5.88
N GLY C 215 -37.31 -1.83 -5.01
CA GLY C 215 -37.48 -1.36 -3.64
C GLY C 215 -38.34 -0.10 -3.56
N ASN C 216 -39.31 -0.01 -4.46
CA ASN C 216 -40.32 1.06 -4.47
C ASN C 216 -41.46 0.76 -3.51
N LYS C 217 -41.71 -0.53 -3.26
CA LYS C 217 -42.57 -0.97 -2.14
C LYS C 217 -41.78 -1.83 -1.17
N PRO D 1 7.12 17.33 1.27
CA PRO D 1 5.90 17.95 0.73
C PRO D 1 4.79 16.93 0.64
N MET D 2 3.57 17.37 0.91
CA MET D 2 2.38 16.61 0.57
C MET D 2 2.28 16.26 -0.90
N THR D 3 1.60 15.16 -1.20
CA THR D 3 1.31 14.78 -2.56
C THR D 3 -0.19 14.83 -2.81
N LEU D 4 -0.60 15.61 -3.80
CA LEU D 4 -1.96 15.58 -4.29
C LEU D 4 -2.07 14.80 -5.62
N GLY D 5 -2.69 13.62 -5.58
CA GLY D 5 -2.91 12.80 -6.76
C GLY D 5 -4.30 13.02 -7.35
N TYR D 6 -4.37 13.30 -8.65
CA TYR D 6 -5.64 13.40 -9.36
C TYR D 6 -5.40 13.32 -10.86
N TRP D 7 -6.48 13.17 -11.62
CA TRP D 7 -6.43 13.30 -13.06
C TRP D 7 -5.93 14.68 -13.43
N ASN D 8 -5.41 14.82 -14.65
CA ASN D 8 -4.89 16.08 -15.14
C ASN D 8 -6.02 17.00 -15.60
N ILE D 9 -7.03 17.15 -14.75
CA ILE D 9 -8.14 18.07 -15.04
C ILE D 9 -8.46 18.95 -13.83
N ARG D 10 -9.40 19.87 -14.01
CA ARG D 10 -10.02 20.62 -12.91
C ARG D 10 -10.72 19.69 -11.92
N GLY D 11 -11.91 19.20 -12.31
CA GLY D 11 -12.64 18.20 -11.56
C GLY D 11 -12.77 18.54 -10.10
N LEU D 12 -12.50 17.56 -9.24
CA LEU D 12 -12.76 17.65 -7.81
C LEU D 12 -11.50 18.13 -7.08
N ALA D 13 -10.43 18.38 -7.83
CA ALA D 13 -9.18 18.82 -7.22
C ALA D 13 -9.10 20.34 -7.09
N HIS D 14 -10.00 21.02 -7.80
CA HIS D 14 -9.92 22.45 -7.94
C HIS D 14 -9.92 23.17 -6.60
N SER D 15 -10.86 22.82 -5.75
CA SER D 15 -10.96 23.40 -4.43
C SER D 15 -9.75 23.08 -3.58
N ILE D 16 -9.31 21.83 -3.66
CA ILE D 16 -8.12 21.34 -2.96
C ILE D 16 -6.85 22.05 -3.38
N ARG D 17 -6.66 22.19 -4.70
CA ARG D 17 -5.55 22.98 -5.23
C ARG D 17 -5.53 24.42 -4.69
N LEU D 18 -6.69 25.05 -4.71
CA LEU D 18 -6.83 26.42 -4.30
C LEU D 18 -6.59 26.55 -2.80
N LEU D 19 -7.10 25.60 -2.02
CA LEU D 19 -6.93 25.63 -0.57
C LEU D 19 -5.49 25.39 -0.18
N LEU D 20 -4.82 24.48 -0.89
CA LEU D 20 -3.37 24.25 -0.68
C LEU D 20 -2.52 25.51 -0.95
N GLU D 21 -2.87 26.24 -2.02
CA GLU D 21 -2.21 27.49 -2.37
C GLU D 21 -2.51 28.61 -1.41
N TYR D 22 -3.77 28.86 -1.13
CA TYR D 22 -4.17 29.78 -0.07
C TYR D 22 -3.46 29.57 1.27
N THR D 23 -3.43 28.33 1.74
CA THR D 23 -2.85 28.00 3.04
C THR D 23 -1.33 27.97 3.02
N ASP D 24 -0.76 28.26 1.86
CA ASP D 24 0.68 28.26 1.67
C ASP D 24 1.23 26.88 1.98
N SER D 25 0.53 25.85 1.57
CA SER D 25 0.92 24.49 1.90
C SER D 25 2.05 24.03 0.98
N SER D 26 3.05 23.37 1.58
CA SER D 26 4.09 22.70 0.80
C SER D 26 3.52 21.43 0.13
N TYR D 27 3.35 21.46 -1.20
CA TYR D 27 2.78 20.29 -1.91
C TYR D 27 3.30 20.16 -3.34
N GLU D 28 3.23 18.95 -3.88
CA GLU D 28 3.38 18.73 -5.31
C GLU D 28 2.33 17.74 -5.84
N GLU D 29 2.10 17.78 -7.15
CA GLU D 29 1.00 17.04 -7.74
C GLU D 29 1.48 15.77 -8.44
N LYS D 30 0.84 14.65 -8.13
CA LYS D 30 0.95 13.48 -8.96
C LYS D 30 -0.22 13.47 -9.95
N LYS D 31 0.07 13.82 -11.21
CA LYS D 31 -0.95 13.97 -12.23
C LYS D 31 -1.09 12.76 -13.17
N TYR D 32 -2.23 12.10 -13.08
CA TYR D 32 -2.51 10.95 -13.91
C TYR D 32 -3.21 11.42 -15.16
N THR D 33 -2.91 10.79 -16.30
CA THR D 33 -3.56 11.18 -17.55
C THR D 33 -4.35 10.05 -18.15
N MET D 34 -5.63 10.30 -18.36
CA MET D 34 -6.50 9.39 -19.10
C MET D 34 -6.16 9.35 -20.59
N GLY D 35 -6.18 8.15 -21.15
CA GLY D 35 -6.12 8.00 -22.59
C GLY D 35 -7.29 8.67 -23.29
N ASP D 36 -7.22 8.74 -24.63
CA ASP D 36 -8.34 9.18 -25.46
C ASP D 36 -9.34 8.08 -25.72
N ALA D 37 -10.48 8.46 -26.29
CA ALA D 37 -11.40 7.54 -26.99
C ALA D 37 -10.68 6.72 -28.07
N PRO D 38 -11.11 5.46 -28.30
CA PRO D 38 -12.23 4.74 -27.66
C PRO D 38 -11.84 4.12 -26.31
N ASP D 39 -10.52 4.06 -26.07
CA ASP D 39 -9.94 3.49 -24.88
C ASP D 39 -10.45 4.13 -23.60
N TYR D 40 -10.27 5.45 -23.50
CA TYR D 40 -10.22 6.15 -22.22
C TYR D 40 -9.35 5.42 -21.21
N ASP D 41 -8.13 5.10 -21.65
CA ASP D 41 -7.29 4.17 -20.96
C ASP D 41 -6.85 4.77 -19.63
N ARG D 42 -7.01 4.01 -18.55
CA ARG D 42 -6.89 4.54 -17.20
C ARG D 42 -5.66 4.00 -16.51
N SER D 43 -4.80 3.31 -17.26
CA SER D 43 -3.86 2.34 -16.68
C SER D 43 -2.72 2.99 -15.88
N GLN D 44 -2.45 4.27 -16.17
CA GLN D 44 -1.55 5.09 -15.34
C GLN D 44 -1.95 5.05 -13.89
N TRP D 45 -3.23 5.33 -13.64
CA TRP D 45 -3.82 5.23 -12.31
C TRP D 45 -3.94 3.79 -11.88
N LEU D 46 -4.51 2.96 -12.75
CA LEU D 46 -4.87 1.61 -12.38
C LEU D 46 -3.67 0.80 -11.89
N ASN D 47 -2.51 0.99 -12.50
CA ASN D 47 -1.30 0.30 -12.08
C ASN D 47 -0.99 0.53 -10.63
N GLU D 48 -0.85 1.79 -10.24
CA GLU D 48 -0.42 2.06 -8.88
C GLU D 48 -1.54 2.34 -7.91
N LYS D 49 -2.79 2.13 -8.37
CA LYS D 49 -3.99 2.38 -7.57
C LYS D 49 -3.99 1.67 -6.24
N PHE D 50 -3.54 0.43 -6.23
CA PHE D 50 -3.50 -0.38 -5.02
C PHE D 50 -2.17 -0.45 -4.33
N LYS D 51 -1.30 0.52 -4.65
CA LYS D 51 0.08 0.51 -4.21
C LYS D 51 0.43 1.72 -3.37
N LEU D 52 -0.52 2.62 -3.19
CA LEU D 52 -0.22 3.84 -2.47
C LEU D 52 -0.54 3.71 -0.97
N GLY D 53 -1.10 2.57 -0.60
CA GLY D 53 -1.45 2.28 0.78
C GLY D 53 -2.66 3.03 1.24
N LEU D 54 -3.57 3.34 0.32
CA LEU D 54 -4.79 4.06 0.67
C LEU D 54 -5.80 3.01 1.10
N ASP D 55 -6.56 3.27 2.14
CA ASP D 55 -7.60 2.34 2.60
C ASP D 55 -8.72 2.18 1.57
N PHE D 56 -9.15 3.29 0.96
CA PHE D 56 -10.15 3.24 -0.11
C PHE D 56 -9.67 3.95 -1.38
N PRO D 57 -8.74 3.31 -2.13
CA PRO D 57 -8.03 3.95 -3.22
C PRO D 57 -8.98 4.72 -4.12
N ASN D 58 -8.61 5.96 -4.46
CA ASN D 58 -9.50 6.89 -5.14
C ASN D 58 -8.76 8.13 -5.60
N LEU D 59 -9.35 8.83 -6.57
CA LEU D 59 -8.85 10.13 -7.01
C LEU D 59 -9.92 11.21 -6.75
N PRO D 60 -9.57 12.26 -6.02
CA PRO D 60 -8.24 12.67 -5.63
C PRO D 60 -7.72 11.98 -4.37
N TYR D 61 -6.42 12.01 -4.18
CA TYR D 61 -5.85 11.58 -2.91
C TYR D 61 -4.85 12.60 -2.40
N LEU D 62 -4.72 12.66 -1.07
CA LEU D 62 -3.66 13.41 -0.42
C LEU D 62 -2.79 12.52 0.43
N ILE D 63 -1.49 12.56 0.19
CA ILE D 63 -0.52 11.92 1.07
C ILE D 63 0.29 12.95 1.82
N ASP D 64 0.08 12.99 3.13
CA ASP D 64 0.85 13.84 4.04
C ASP D 64 1.58 12.96 5.06
N GLY D 65 2.66 12.31 4.62
CA GLY D 65 3.50 11.49 5.50
C GLY D 65 2.76 10.27 6.01
N THR D 66 2.37 10.34 7.29
CA THR D 66 1.60 9.26 7.94
C THR D 66 0.17 9.19 7.40
N HIS D 67 -0.37 10.35 7.03
CA HIS D 67 -1.75 10.45 6.65
C HIS D 67 -1.93 10.21 5.16
N LYS D 68 -2.79 9.26 4.82
CA LYS D 68 -3.17 9.01 3.45
C LYS D 68 -4.68 9.16 3.35
N ILE D 69 -5.12 10.10 2.52
CA ILE D 69 -6.51 10.54 2.53
C ILE D 69 -7.11 10.50 1.13
N THR D 70 -8.23 9.82 0.98
CA THR D 70 -9.06 9.91 -0.22
C THR D 70 -10.37 10.62 0.15
N GLN D 71 -11.29 10.75 -0.80
CA GLN D 71 -12.52 11.57 -0.67
C GLN D 71 -12.26 13.05 -0.56
N SER D 72 -12.77 13.80 -1.54
CA SER D 72 -12.33 15.16 -1.75
C SER D 72 -12.68 16.07 -0.57
N ASN D 73 -13.86 15.87 0.02
CA ASN D 73 -14.29 16.66 1.20
C ASN D 73 -13.47 16.33 2.42
N ALA D 74 -13.08 15.07 2.52
CA ALA D 74 -12.18 14.64 3.59
C ALA D 74 -10.82 15.34 3.53
N ILE D 75 -10.29 15.47 2.30
CA ILE D 75 -9.03 16.15 2.06
C ILE D 75 -9.17 17.62 2.42
N LEU D 76 -10.26 18.22 1.94
CA LEU D 76 -10.56 19.62 2.22
C LEU D 76 -10.62 19.89 3.71
N ARG D 77 -11.32 19.00 4.44
CA ARG D 77 -11.48 19.15 5.87
C ARG D 77 -10.15 19.01 6.59
N TYR D 78 -9.36 18.02 6.16
CA TYR D 78 -8.02 17.77 6.71
C TYR D 78 -7.17 19.05 6.72
N ILE D 79 -7.02 19.66 5.54
CA ILE D 79 -6.21 20.85 5.37
C ILE D 79 -6.82 22.05 6.08
N ALA D 80 -8.16 22.12 6.06
CA ALA D 80 -8.87 23.19 6.77
C ALA D 80 -8.60 23.18 8.28
N ARG D 81 -8.51 21.99 8.86
CA ARG D 81 -8.30 21.85 10.31
C ARG D 81 -6.88 22.30 10.68
N LYS D 82 -5.97 22.06 9.75
CA LYS D 82 -4.58 22.35 9.96
C LYS D 82 -4.27 23.85 9.97
N HIS D 83 -5.20 24.65 9.46
CA HIS D 83 -4.95 26.07 9.26
C HIS D 83 -6.10 26.91 9.77
N ASN D 84 -6.87 26.35 10.70
CA ASN D 84 -8.02 27.04 11.29
C ASN D 84 -8.96 27.66 10.26
N LEU D 85 -9.42 26.88 9.31
CA LEU D 85 -10.34 27.36 8.31
C LEU D 85 -11.59 26.51 8.38
N CYS D 86 -12.12 26.38 9.58
CA CYS D 86 -13.28 25.56 9.86
C CYS D 86 -14.32 26.42 10.58
N GLY D 87 -15.58 26.01 10.52
CA GLY D 87 -16.60 26.60 11.38
C GLY D 87 -16.32 26.24 12.82
N GLU D 88 -16.46 27.20 13.73
CA GLU D 88 -16.16 26.96 15.13
C GLU D 88 -17.42 26.71 15.95
N SER D 89 -18.36 27.65 15.92
CA SER D 89 -19.60 27.52 16.65
C SER D 89 -20.53 26.44 16.10
N GLU D 90 -21.55 26.09 16.87
CA GLU D 90 -22.60 25.19 16.37
C GLU D 90 -23.23 25.73 15.08
N LYS D 91 -23.64 27.00 15.09
CA LYS D 91 -24.39 27.56 13.98
C LYS D 91 -23.56 27.49 12.74
N GLU D 92 -22.26 27.80 12.88
CA GLU D 92 -21.31 27.70 11.78
C GLU D 92 -21.16 26.27 11.30
N GLN D 93 -20.95 25.34 12.24
CA GLN D 93 -20.85 23.94 11.89
C GLN D 93 -22.04 23.36 11.13
N ILE D 94 -23.25 23.63 11.64
CA ILE D 94 -24.51 23.37 10.92
C ILE D 94 -24.46 23.96 9.52
N ARG D 95 -24.03 25.22 9.41
CA ARG D 95 -24.00 25.89 8.10
C ARG D 95 -22.99 25.28 7.16
N GLU D 96 -21.86 24.85 7.72
CA GLU D 96 -20.77 24.20 7.00
C GLU D 96 -21.18 22.82 6.45
N ASP D 97 -21.77 22.01 7.32
CA ASP D 97 -22.22 20.67 6.93
C ASP D 97 -23.31 20.73 5.89
N ILE D 98 -24.27 21.66 6.06
CA ILE D 98 -25.30 21.91 5.05
C ILE D 98 -24.66 22.28 3.70
N LEU D 99 -23.74 23.24 3.72
CA LEU D 99 -23.18 23.76 2.49
C LEU D 99 -22.31 22.76 1.74
N GLU D 100 -21.45 22.05 2.48
CA GLU D 100 -20.58 21.05 1.88
C GLU D 100 -21.40 20.02 1.10
N ASN D 101 -22.50 19.56 1.70
CA ASN D 101 -23.33 18.55 1.07
C ASN D 101 -24.18 19.13 -0.03
N GLN D 102 -24.58 20.38 0.11
CA GLN D 102 -25.47 21.00 -0.87
C GLN D 102 -24.71 21.31 -2.13
N PHE D 103 -23.55 21.94 -1.96
CA PHE D 103 -22.64 22.15 -3.07
C PHE D 103 -22.30 20.85 -3.81
N MET D 104 -22.11 19.76 -3.07
CA MET D 104 -21.81 18.48 -3.69
C MET D 104 -22.98 17.96 -4.56
N ASP D 105 -24.22 18.12 -4.08
CA ASP D 105 -25.40 17.86 -4.90
C ASP D 105 -25.47 18.73 -6.15
N SER D 106 -25.11 20.00 -6.02
CA SER D 106 -25.08 20.91 -7.15
C SER D 106 -23.97 20.57 -8.16
N ARG D 107 -22.78 20.27 -7.63
CA ARG D 107 -21.67 19.84 -8.44
C ARG D 107 -22.10 18.67 -9.29
N MET D 108 -22.70 17.69 -8.64
CA MET D 108 -23.08 16.44 -9.28
C MET D 108 -24.16 16.57 -10.34
N GLN D 109 -25.09 17.50 -10.13
CA GLN D 109 -26.07 17.83 -11.15
C GLN D 109 -25.41 18.29 -12.44
N LEU D 110 -24.46 19.22 -12.36
CA LEU D 110 -23.75 19.64 -13.57
C LEU D 110 -22.99 18.48 -14.20
N ALA D 111 -22.37 17.64 -13.37
CA ALA D 111 -21.61 16.50 -13.86
C ALA D 111 -22.49 15.44 -14.50
N LYS D 112 -23.62 15.11 -13.89
CA LYS D 112 -24.62 14.20 -14.46
C LYS D 112 -25.02 14.60 -15.89
N LEU D 113 -25.31 15.89 -16.04
CA LEU D 113 -25.68 16.49 -17.31
C LEU D 113 -24.56 16.34 -18.32
N CYS D 114 -23.36 16.78 -17.96
CA CYS D 114 -22.27 16.92 -18.93
C CYS D 114 -21.63 15.60 -19.34
N TYR D 115 -22.00 14.53 -18.64
CA TYR D 115 -21.58 13.19 -18.99
C TYR D 115 -22.68 12.43 -19.70
N ASP D 116 -23.90 12.98 -19.70
CA ASP D 116 -25.03 12.31 -20.31
C ASP D 116 -24.99 12.42 -21.82
N PRO D 117 -25.12 11.28 -22.52
CA PRO D 117 -25.20 11.23 -23.99
C PRO D 117 -26.28 12.16 -24.54
N ASP D 118 -27.40 12.29 -23.81
CA ASP D 118 -28.44 13.23 -24.16
C ASP D 118 -28.21 14.66 -23.68
N PHE D 119 -26.95 15.09 -23.63
CA PHE D 119 -26.57 16.42 -23.16
C PHE D 119 -27.40 17.54 -23.82
N GLU D 120 -27.48 17.51 -25.16
CA GLU D 120 -28.16 18.56 -25.90
C GLU D 120 -29.61 18.71 -25.51
N LYS D 121 -30.31 17.59 -25.40
CA LYS D 121 -31.73 17.59 -25.02
C LYS D 121 -31.94 17.98 -23.56
N LEU D 122 -30.95 17.67 -22.73
CA LEU D 122 -31.10 17.79 -21.28
C LEU D 122 -30.65 19.16 -20.78
N LYS D 123 -29.75 19.79 -21.54
CA LYS D 123 -29.26 21.15 -21.24
C LYS D 123 -30.29 22.23 -20.87
N PRO D 124 -31.37 22.39 -21.67
CA PRO D 124 -32.37 23.42 -21.35
C PRO D 124 -33.01 23.31 -19.96
N GLU D 125 -33.38 22.10 -19.56
CA GLU D 125 -34.04 21.86 -18.29
C GLU D 125 -33.15 22.21 -17.10
N TYR D 126 -31.85 21.97 -17.26
CA TYR D 126 -30.87 22.33 -16.25
C TYR D 126 -30.77 23.84 -16.13
N LEU D 127 -30.75 24.52 -17.28
CA LEU D 127 -30.71 25.98 -17.30
C LEU D 127 -32.00 26.64 -16.77
N GLN D 128 -33.13 25.95 -16.94
CA GLN D 128 -34.38 26.37 -16.31
C GLN D 128 -34.23 26.41 -14.79
N ALA D 129 -33.69 25.32 -14.23
CA ALA D 129 -33.57 25.18 -12.80
C ALA D 129 -32.44 26.02 -12.25
N LEU D 130 -31.49 26.39 -13.12
CA LEU D 130 -30.26 27.02 -12.68
C LEU D 130 -30.47 28.27 -11.83
N PRO D 131 -31.32 29.23 -12.28
CA PRO D 131 -31.57 30.43 -11.46
C PRO D 131 -32.05 30.19 -10.04
N GLU D 132 -32.93 29.21 -9.84
CA GLU D 132 -33.41 28.85 -8.50
C GLU D 132 -32.31 28.33 -7.60
N MET D 133 -31.50 27.43 -8.14
CA MET D 133 -30.30 27.00 -7.47
C MET D 133 -29.39 28.15 -6.99
N LEU D 134 -29.05 29.06 -7.91
CA LEU D 134 -28.22 30.21 -7.55
C LEU D 134 -28.91 31.11 -6.54
N LYS D 135 -30.23 31.25 -6.67
CA LYS D 135 -30.98 32.16 -5.78
C LYS D 135 -30.87 31.76 -4.31
N LEU D 136 -30.97 30.46 -4.05
CA LEU D 136 -30.84 29.92 -2.72
C LEU D 136 -29.44 30.13 -2.14
N TYR D 137 -28.42 29.97 -2.98
CA TYR D 137 -27.05 30.27 -2.57
C TYR D 137 -26.88 31.75 -2.24
N SER D 138 -27.48 32.60 -3.07
CA SER D 138 -27.42 34.04 -2.88
C SER D 138 -28.08 34.47 -1.59
N GLN D 139 -29.29 33.97 -1.36
CA GLN D 139 -30.04 34.32 -0.16
C GLN D 139 -29.27 33.93 1.07
N PHE D 140 -28.66 32.76 1.03
CA PHE D 140 -27.91 32.21 2.15
C PHE D 140 -26.67 33.03 2.48
N LEU D 141 -25.98 33.51 1.45
CA LEU D 141 -24.77 34.28 1.67
C LEU D 141 -25.12 35.71 2.10
N GLY D 142 -26.22 36.23 1.57
CA GLY D 142 -26.69 37.54 1.94
C GLY D 142 -25.62 38.58 1.76
N LYS D 143 -25.32 39.30 2.83
CA LYS D 143 -24.38 40.42 2.78
C LYS D 143 -23.01 40.03 3.30
N GLN D 144 -22.83 38.76 3.67
CA GLN D 144 -21.60 38.32 4.30
C GLN D 144 -20.51 38.22 3.24
N PRO D 145 -19.25 38.49 3.60
CA PRO D 145 -18.14 38.25 2.65
C PRO D 145 -17.92 36.77 2.34
N TRP D 146 -18.05 35.91 3.34
CA TRP D 146 -17.87 34.47 3.15
C TRP D 146 -19.12 33.69 3.62
N PHE D 147 -19.23 32.44 3.20
CA PHE D 147 -20.45 31.67 3.46
C PHE D 147 -20.73 31.35 4.94
N LEU D 148 -19.66 31.25 5.74
CA LEU D 148 -19.85 31.07 7.17
C LEU D 148 -19.91 32.39 7.93
N GLY D 149 -19.66 33.49 7.23
CA GLY D 149 -19.80 34.82 7.84
C GLY D 149 -18.62 35.74 7.59
N ASP D 150 -17.91 36.09 8.66
CA ASP D 150 -16.79 37.03 8.60
C ASP D 150 -15.52 36.38 8.12
N LYS D 151 -15.28 35.15 8.58
CA LYS D 151 -14.00 34.51 8.33
C LYS D 151 -14.21 33.49 7.21
N ILE D 152 -13.19 33.37 6.35
CA ILE D 152 -13.21 32.43 5.24
C ILE D 152 -12.95 31.04 5.80
N THR D 153 -13.66 30.05 5.27
CA THR D 153 -13.43 28.68 5.68
C THR D 153 -13.29 27.80 4.43
N PHE D 154 -13.20 26.48 4.62
CA PHE D 154 -13.08 25.58 3.50
C PHE D 154 -14.25 25.56 2.54
N VAL D 155 -15.49 25.70 3.04
CA VAL D 155 -16.67 25.65 2.12
C VAL D 155 -16.63 26.72 1.06
N ASP D 156 -15.99 27.85 1.37
CA ASP D 156 -15.83 28.93 0.43
C ASP D 156 -15.10 28.47 -0.81
N PHE D 157 -14.15 27.55 -0.62
CA PHE D 157 -13.36 26.99 -1.70
C PHE D 157 -14.16 26.00 -2.54
N ILE D 158 -15.07 25.27 -1.89
CA ILE D 158 -16.08 24.49 -2.60
C ILE D 158 -17.05 25.41 -3.34
N ALA D 159 -17.67 26.30 -2.58
CA ALA D 159 -18.49 27.38 -3.13
C ALA D 159 -17.92 28.02 -4.38
N TYR D 160 -16.65 28.38 -4.36
CA TYR D 160 -16.05 29.02 -5.49
C TYR D 160 -16.06 28.10 -6.71
N ASP D 161 -15.54 26.90 -6.53
CA ASP D 161 -15.41 25.95 -7.62
C ASP D 161 -16.75 25.68 -8.30
N VAL D 162 -17.77 25.29 -7.53
CA VAL D 162 -19.06 24.97 -8.15
C VAL D 162 -19.84 26.19 -8.71
N LEU D 163 -19.67 27.36 -8.09
CA LEU D 163 -20.33 28.56 -8.60
C LEU D 163 -19.64 29.03 -9.88
N GLU D 164 -18.31 29.12 -9.82
CA GLU D 164 -17.54 29.61 -10.95
C GLU D 164 -17.71 28.70 -12.14
N ARG D 165 -17.75 27.39 -11.91
CA ARG D 165 -17.84 26.47 -13.03
C ARG D 165 -19.19 26.56 -13.73
N ASN D 166 -20.22 26.96 -12.99
CA ASN D 166 -21.51 27.26 -13.63
C ASN D 166 -21.42 28.50 -14.51
N GLN D 167 -20.64 29.47 -14.06
CA GLN D 167 -20.37 30.66 -14.83
C GLN D 167 -19.52 30.35 -16.06
N VAL D 168 -18.72 29.30 -16.05
CA VAL D 168 -18.09 28.91 -17.29
C VAL D 168 -19.02 28.09 -18.19
N PHE D 169 -20.01 27.46 -17.59
CA PHE D 169 -21.00 26.69 -18.35
C PHE D 169 -22.03 27.61 -18.99
N GLU D 170 -22.60 28.49 -18.18
CA GLU D 170 -23.50 29.53 -18.68
C GLU D 170 -23.04 30.89 -18.15
N PRO D 171 -22.27 31.63 -18.94
CA PRO D 171 -21.58 32.84 -18.50
C PRO D 171 -22.46 33.93 -17.87
N SER D 172 -23.72 33.99 -18.27
CA SER D 172 -24.65 34.98 -17.71
C SER D 172 -25.29 34.61 -16.37
N CYS D 173 -25.06 33.39 -15.90
CA CYS D 173 -25.91 32.82 -14.83
C CYS D 173 -25.88 33.56 -13.49
N LEU D 174 -24.82 34.34 -13.24
CA LEU D 174 -24.62 35.01 -11.95
C LEU D 174 -25.06 36.48 -12.01
N ASP D 175 -25.52 36.91 -13.18
CA ASP D 175 -25.86 38.33 -13.44
C ASP D 175 -26.98 38.87 -12.57
N ALA D 176 -27.98 38.03 -12.28
CA ALA D 176 -29.09 38.46 -11.43
C ALA D 176 -28.68 38.45 -9.97
N PHE D 177 -27.44 38.04 -9.69
CA PHE D 177 -27.03 37.75 -8.32
C PHE D 177 -25.73 38.44 -7.98
N PRO D 178 -25.81 39.74 -7.65
CA PRO D 178 -24.59 40.54 -7.54
C PRO D 178 -23.67 40.01 -6.42
N ASN D 179 -24.25 39.54 -5.32
CA ASN D 179 -23.46 39.12 -4.16
C ASN D 179 -22.63 37.88 -4.44
N LEU D 180 -23.11 37.04 -5.35
CA LEU D 180 -22.38 35.89 -5.85
C LEU D 180 -21.26 36.30 -6.80
N LYS D 181 -21.53 37.27 -7.68
CA LYS D 181 -20.51 37.84 -8.53
C LYS D 181 -19.38 38.44 -7.70
N ASP D 182 -19.74 39.22 -6.68
CA ASP D 182 -18.78 39.81 -5.74
C ASP D 182 -18.00 38.76 -4.97
N PHE D 183 -18.67 37.67 -4.61
CA PHE D 183 -18.02 36.53 -4.00
C PHE D 183 -16.87 36.03 -4.87
N ILE D 184 -17.16 35.73 -6.13
CA ILE D 184 -16.18 35.33 -7.13
C ILE D 184 -14.99 36.31 -7.16
N SER D 185 -15.25 37.60 -7.33
CA SER D 185 -14.18 38.57 -7.31
C SER D 185 -13.41 38.61 -5.99
N ARG D 186 -14.11 38.66 -4.86
CA ARG D 186 -13.46 38.60 -3.54
C ARG D 186 -12.47 37.43 -3.52
N PHE D 187 -12.93 36.28 -4.02
CA PHE D 187 -12.18 35.05 -3.91
C PHE D 187 -10.96 35.12 -4.79
N GLU D 188 -11.19 35.48 -6.05
CA GLU D 188 -10.11 35.51 -7.02
C GLU D 188 -9.12 36.62 -6.65
N GLY D 189 -9.56 37.54 -5.81
CA GLY D 189 -8.78 38.71 -5.51
C GLY D 189 -7.95 38.58 -4.27
N LEU D 190 -8.06 37.41 -3.65
CA LEU D 190 -7.21 37.08 -2.52
C LEU D 190 -5.77 36.99 -2.99
N GLU D 191 -4.87 37.65 -2.28
CA GLU D 191 -3.47 37.77 -2.66
C GLU D 191 -2.87 36.47 -3.23
N LYS D 192 -2.97 35.37 -2.48
CA LYS D 192 -2.35 34.12 -2.90
C LYS D 192 -3.12 33.44 -4.02
N ILE D 193 -4.45 33.57 -4.00
CA ILE D 193 -5.28 32.94 -5.03
C ILE D 193 -5.01 33.63 -6.38
N SER D 194 -4.92 34.95 -6.32
CA SER D 194 -4.60 35.77 -7.49
C SER D 194 -3.23 35.41 -8.09
N ALA D 195 -2.21 35.35 -7.23
CA ALA D 195 -0.87 34.95 -7.64
C ALA D 195 -0.86 33.54 -8.27
N TYR D 196 -1.58 32.61 -7.65
CA TYR D 196 -1.73 31.26 -8.18
C TYR D 196 -2.37 31.27 -9.55
N MET D 197 -3.43 32.04 -9.70
CA MET D 197 -4.25 31.99 -10.91
C MET D 197 -3.46 32.54 -12.08
N LYS D 198 -2.48 33.39 -11.78
CA LYS D 198 -1.60 33.95 -12.78
C LYS D 198 -0.40 33.07 -13.07
N SER D 199 -0.27 31.98 -12.33
CA SER D 199 0.93 31.13 -12.45
C SER D 199 0.72 29.98 -13.42
N SER D 200 1.81 29.29 -13.75
CA SER D 200 1.80 28.17 -14.69
C SER D 200 1.14 26.87 -14.15
N ARG D 201 1.01 26.76 -12.83
CA ARG D 201 0.30 25.65 -12.19
C ARG D 201 -1.19 25.66 -12.43
N PHE D 202 -1.79 26.84 -12.48
CA PHE D 202 -3.25 27.00 -12.50
C PHE D 202 -3.91 26.17 -13.60
N LEU D 203 -4.91 25.37 -13.23
CA LEU D 203 -5.53 24.39 -14.16
C LEU D 203 -7.06 24.44 -14.20
N PRO D 204 -7.62 25.48 -14.85
CA PRO D 204 -9.07 25.75 -14.80
C PRO D 204 -9.86 24.94 -15.84
N ARG D 205 -9.13 24.29 -16.73
CA ARG D 205 -9.70 23.46 -17.78
C ARG D 205 -8.75 22.29 -18.07
N PRO D 206 -9.27 21.15 -18.56
CA PRO D 206 -10.68 20.81 -18.79
C PRO D 206 -11.42 20.70 -17.46
N VAL D 207 -12.69 21.08 -17.47
CA VAL D 207 -13.54 20.89 -16.30
C VAL D 207 -13.67 19.41 -15.92
N PHE D 208 -13.96 18.56 -16.91
CA PHE D 208 -14.26 17.17 -16.66
C PHE D 208 -13.25 16.25 -17.35
N THR D 209 -13.44 14.95 -17.22
CA THR D 209 -12.55 13.98 -17.88
C THR D 209 -12.88 13.84 -19.37
N LYS D 210 -12.00 13.17 -20.11
CA LYS D 210 -12.17 12.99 -21.55
C LYS D 210 -13.46 12.27 -21.92
N MET D 211 -14.09 11.60 -20.96
CA MET D 211 -15.37 10.94 -21.22
C MET D 211 -16.58 11.87 -21.27
N ALA D 212 -16.39 13.13 -20.86
CA ALA D 212 -17.47 14.11 -20.82
C ALA D 212 -17.96 14.50 -22.21
N VAL D 213 -19.26 14.78 -22.34
CA VAL D 213 -19.78 15.42 -23.55
C VAL D 213 -19.47 16.92 -23.59
N TRP D 214 -19.68 17.61 -22.47
CA TRP D 214 -19.25 19.02 -22.33
C TRP D 214 -18.07 19.15 -21.40
N GLY D 215 -17.05 19.87 -21.83
CA GLY D 215 -15.94 20.22 -20.94
C GLY D 215 -14.96 19.08 -20.77
N ASN D 216 -14.79 18.31 -21.84
CA ASN D 216 -13.79 17.26 -21.92
C ASN D 216 -12.44 17.81 -22.28
N LYS D 217 -12.42 18.90 -23.02
CA LYS D 217 -11.19 19.67 -23.24
C LYS D 217 -11.33 21.07 -22.65
O32 GSM E . 26.10 0.63 3.89
C3 GSM E . 27.34 0.58 4.07
O31 GSM E . 28.13 1.48 3.69
CA3 GSM E . 27.92 -0.60 4.77
N3 GSM E . 26.89 -1.54 5.22
C2 GSM E . 26.21 -1.51 6.36
O2 GSM E . 26.40 -0.60 7.15
CA2 GSM E . 25.22 -2.62 6.62
CB2 GSM E . 25.29 -2.97 8.11
SG2 GSM E . 24.38 -4.42 8.61
C4 GSM E . 22.92 -3.71 9.30
N2 GSM E . 25.67 -3.83 5.91
CD1 GSM E . 24.93 -4.63 5.14
OE1 GSM E . 23.73 -4.48 4.92
CG1 GSM E . 25.65 -5.80 4.54
CB1 GSM E . 24.65 -6.90 4.19
CA1 GSM E . 25.31 -7.97 3.31
N1 GSM E . 24.30 -8.70 2.57
C1 GSM E . 26.18 -8.93 4.10
O11 GSM E . 27.37 -8.67 4.43
O12 GSM E . 25.66 -10.02 4.43
O32 GSM F . 5.96 -16.58 -0.60
C3 GSM F . 5.85 -17.73 -1.06
O31 GSM F . 4.96 -18.52 -0.72
CA3 GSM F . 6.85 -18.21 -2.09
N3 GSM F . 7.71 -17.12 -2.50
C2 GSM F . 7.47 -16.16 -3.40
O2 GSM F . 6.42 -16.11 -4.01
CA2 GSM F . 8.57 -15.16 -3.66
CB2 GSM F . 8.50 -14.85 -5.15
SG2 GSM F . 9.87 -13.91 -5.77
C4 GSM F . 9.20 -12.28 -5.71
N2 GSM F . 9.85 -15.80 -3.42
CD1 GSM F . 10.92 -15.34 -2.74
OE1 GSM F . 11.02 -14.26 -2.19
CG1 GSM F . 12.09 -16.27 -2.67
CB1 GSM F . 13.35 -15.47 -2.38
CA1 GSM F . 14.49 -16.39 -2.03
N1 GSM F . 15.49 -15.62 -1.36
C1 GSM F . 15.13 -16.96 -3.27
O11 GSM F . 14.67 -18.00 -3.77
O12 GSM F . 16.12 -16.38 -3.74
O32 GSM G . -36.32 17.36 -4.32
C3 GSM G . -36.82 17.92 -3.31
O31 GSM G . -37.63 18.87 -3.42
CA3 GSM G . -36.45 17.42 -1.92
N3 GSM G . -35.60 16.24 -1.97
C2 GSM G . -35.96 14.98 -2.25
O2 GSM G . -37.11 14.68 -2.48
CA2 GSM G . -34.85 13.94 -2.21
CB2 GSM G . -35.44 12.72 -1.48
SG2 GSM G . -34.29 11.41 -1.16
C4 GSM G . -34.50 10.32 -2.53
N2 GSM G . -33.76 14.39 -1.36
CD1 GSM G . -32.47 14.39 -1.68
OE1 GSM G . -32.04 13.98 -2.75
CG1 GSM G . -31.55 14.92 -0.59
CB1 GSM G . -30.13 14.40 -0.79
CA1 GSM G . -29.12 15.13 0.07
N1 GSM G . -27.82 14.95 -0.53
C1 GSM G . -29.13 14.61 1.51
O11 GSM G . -29.96 15.07 2.33
O12 GSM G . -28.29 13.73 1.83
O32 GSM H . -12.58 5.22 -10.08
C3 GSM H . -11.42 5.27 -9.59
O31 GSM H . -10.65 4.29 -9.59
CA3 GSM H . -10.92 6.56 -8.98
N3 GSM H . -11.88 7.63 -9.09
C2 GSM H . -12.05 8.44 -10.12
O2 GSM H . -11.36 8.33 -11.12
CA2 GSM H . -13.10 9.51 -10.00
CB2 GSM H . -12.57 10.76 -10.69
SG2 GSM H . -13.54 12.21 -10.48
C4 GSM H . -14.46 12.20 -11.99
N2 GSM H . -13.25 9.87 -8.59
CD1 GSM H . -14.39 9.99 -7.89
OE1 GSM H . -15.53 9.82 -8.32
CG1 GSM H . -14.20 10.36 -6.44
CB1 GSM H . -15.47 11.03 -5.96
CA1 GSM H . -15.50 11.14 -4.45
N1 GSM H . -16.89 11.30 -4.12
C1 GSM H . -14.72 12.33 -3.97
O11 GSM H . -13.47 12.22 -3.83
O12 GSM H . -15.34 13.39 -3.73
#